data_1LYC
#
_entry.id   1LYC
#
_cell.length_a   77.289
_cell.length_b   115.055
_cell.length_c   36.970
_cell.angle_alpha   90.00
_cell.angle_beta   90.00
_cell.angle_gamma   90.00
#
_symmetry.space_group_name_H-M   'P 1 21 1'
#
loop_
_entity.id
_entity.type
_entity.pdbx_description
1 polymer Peroxidase
2 non-polymer 'CALCIUM ION'
3 non-polymer 'PROTOPORPHYRIN IX CONTAINING FE'
4 water water
#
_entity_poly.entity_id   1
_entity_poly.type   'polypeptide(L)'
_entity_poly.pdbx_seq_one_letter_code
;QGPGGGGSVTCPGGQSTSNSQCCVWFDVLDDLQTNFYQGSKCESPVRKILRIVFHDAIGFSPALTAAGQFGGGGADGSII
AHSNIELAFPANGGLTDTVEALRAVGINHGVSFGDLIQFATAVGMSNCPGSPRLEFLTGRSSSSQPSPPSLIPGPGNTVT
AILDRMGDAGFSPDEVVDLLAAHSLASQEGLNSAIFRSPLDSTPQVFDTQFYIETLLKGTTQPGPSLGFAEELSPFPGEF
RMRSDALLARDSRTACRWQSMTSSNEVMGQRYRAAMAKMSVLGFDRNALTDCSDVIPSAVSNNAAPVIPGGLTVDDIEVS
CPSEPFPEIAAASGPLPALAPAP
;
_entity_poly.pdbx_strand_id   A,B
#
loop_
_chem_comp.id
_chem_comp.type
_chem_comp.name
_chem_comp.formula
CA non-polymer 'CALCIUM ION' 'Ca 2'
HEM non-polymer 'PROTOPORPHYRIN IX CONTAINING FE' 'C34 H32 Fe N4 O4'
#
# COMPACT_ATOMS: atom_id res chain seq x y z
N SER A 8 44.34 -15.84 12.57
CA SER A 8 43.38 -16.23 13.63
C SER A 8 43.38 -15.27 14.82
N VAL A 9 42.26 -15.22 15.54
CA VAL A 9 42.12 -14.36 16.71
C VAL A 9 41.21 -14.95 17.78
N THR A 10 41.56 -14.72 19.04
CA THR A 10 40.78 -15.20 20.16
C THR A 10 40.11 -14.00 20.80
N CYS A 11 38.78 -14.03 20.83
CA CYS A 11 38.00 -12.94 21.39
C CYS A 11 38.07 -12.87 22.91
N PRO A 12 37.63 -11.74 23.50
CA PRO A 12 37.66 -11.59 24.96
C PRO A 12 36.91 -12.71 25.67
N GLY A 13 35.94 -13.31 24.96
CA GLY A 13 35.17 -14.39 25.52
C GLY A 13 35.86 -15.73 25.35
N GLY A 14 36.99 -15.74 24.65
CA GLY A 14 37.72 -16.98 24.45
C GLY A 14 37.47 -17.63 23.10
N GLN A 15 36.43 -17.19 22.40
CA GLN A 15 36.10 -17.75 21.09
C GLN A 15 37.23 -17.56 20.09
N SER A 16 37.49 -18.59 19.30
CA SER A 16 38.51 -18.51 18.26
C SER A 16 37.74 -18.12 17.01
N THR A 17 38.32 -17.27 16.19
CA THR A 17 37.68 -16.86 14.95
C THR A 17 38.72 -16.42 13.93
N SER A 18 38.29 -16.22 12.69
CA SER A 18 39.19 -15.85 11.61
C SER A 18 39.47 -14.36 11.47
N ASN A 19 38.80 -13.55 12.26
CA ASN A 19 38.99 -12.11 12.16
C ASN A 19 38.47 -11.42 13.40
N SER A 20 39.13 -10.33 13.79
CA SER A 20 38.75 -9.57 14.99
C SER A 20 37.32 -9.03 14.95
N GLN A 21 36.83 -8.71 13.75
CA GLN A 21 35.46 -8.19 13.62
C GLN A 21 34.38 -9.25 13.66
N CYS A 22 34.78 -10.49 13.99
CA CYS A 22 33.86 -11.60 14.11
C CYS A 22 33.55 -11.73 15.59
N CYS A 23 34.32 -11.03 16.41
CA CYS A 23 34.17 -11.07 17.86
C CYS A 23 32.91 -10.42 18.41
N VAL A 24 32.50 -9.30 17.83
CA VAL A 24 31.30 -8.62 18.31
C VAL A 24 30.08 -9.51 18.09
N TRP A 25 30.13 -10.31 17.03
CA TRP A 25 29.03 -11.20 16.67
C TRP A 25 28.71 -12.30 17.68
N PHE A 26 29.69 -12.69 18.50
CA PHE A 26 29.45 -13.73 19.48
C PHE A 26 28.49 -13.23 20.56
N ASP A 27 28.43 -11.92 20.74
CA ASP A 27 27.54 -11.33 21.74
C ASP A 27 26.13 -11.18 21.20
N VAL A 28 26.02 -11.00 19.89
CA VAL A 28 24.72 -10.87 19.25
C VAL A 28 24.09 -12.26 19.26
N LEU A 29 24.88 -13.25 18.82
CA LEU A 29 24.46 -14.63 18.77
C LEU A 29 23.91 -15.06 20.13
N ASP A 30 24.54 -14.56 21.18
CA ASP A 30 24.14 -14.87 22.54
C ASP A 30 22.81 -14.21 22.89
N ASP A 31 22.68 -12.97 22.47
CA ASP A 31 21.48 -12.16 22.71
C ASP A 31 20.27 -12.78 22.01
N LEU A 32 20.38 -12.92 20.68
CA LEU A 32 19.32 -13.47 19.86
C LEU A 32 18.84 -14.81 20.39
N GLN A 33 19.75 -15.78 20.51
CA GLN A 33 19.39 -17.11 20.98
C GLN A 33 18.63 -17.10 22.30
N THR A 34 19.04 -16.21 23.20
CA THR A 34 18.42 -16.11 24.51
C THR A 34 17.06 -15.42 24.51
N ASN A 35 16.97 -14.27 23.85
CA ASN A 35 15.72 -13.52 23.85
C ASN A 35 14.86 -13.56 22.60
N PHE A 36 15.41 -13.12 21.48
CA PHE A 36 14.67 -13.12 20.24
C PHE A 36 14.12 -14.52 19.94
N TYR A 37 14.99 -15.52 20.07
CA TYR A 37 14.62 -16.90 19.78
C TYR A 37 14.16 -17.72 20.97
N GLN A 38 13.94 -17.07 22.11
CA GLN A 38 13.43 -17.73 23.31
C GLN A 38 14.10 -19.05 23.69
N GLY A 39 15.41 -19.16 23.44
CA GLY A 39 16.10 -20.38 23.78
C GLY A 39 16.51 -21.16 22.55
N SER A 40 17.09 -20.46 21.58
CA SER A 40 17.53 -21.10 20.35
C SER A 40 16.43 -21.96 19.72
N LYS A 41 15.21 -21.43 19.69
CA LYS A 41 14.07 -22.16 19.15
C LYS A 41 13.70 -21.82 17.69
N CYS A 42 13.08 -22.80 17.02
CA CYS A 42 12.66 -22.67 15.63
C CYS A 42 11.15 -22.45 15.51
N GLU A 43 10.72 -21.23 15.81
CA GLU A 43 9.32 -20.85 15.76
C GLU A 43 9.08 -19.60 14.91
N SER A 44 7.99 -18.89 15.20
CA SER A 44 7.62 -17.68 14.46
C SER A 44 8.76 -16.69 14.18
N PRO A 45 9.55 -16.32 15.20
CA PRO A 45 10.67 -15.37 15.03
C PRO A 45 11.60 -15.72 13.86
N VAL A 46 11.97 -16.99 13.75
CA VAL A 46 12.83 -17.44 12.66
C VAL A 46 12.12 -17.27 11.32
N ARG A 47 10.83 -17.60 11.27
CA ARG A 47 10.06 -17.48 10.04
C ARG A 47 9.87 -16.01 9.66
N LYS A 48 9.59 -15.17 10.67
CA LYS A 48 9.43 -13.74 10.46
C LYS A 48 10.74 -13.10 9.94
N ILE A 49 11.86 -13.55 10.51
CA ILE A 49 13.17 -13.02 10.11
C ILE A 49 13.49 -13.42 8.67
N LEU A 50 13.03 -14.59 8.24
CA LEU A 50 13.29 -15.02 6.88
C LEU A 50 12.55 -14.13 5.87
N ARG A 51 11.36 -13.67 6.27
CA ARG A 51 10.57 -12.77 5.42
C ARG A 51 11.31 -11.42 5.35
N ILE A 52 11.84 -10.99 6.50
CA ILE A 52 12.56 -9.73 6.61
C ILE A 52 13.84 -9.68 5.76
N VAL A 53 14.64 -10.74 5.82
CA VAL A 53 15.88 -10.78 5.05
C VAL A 53 15.59 -10.75 3.55
N PHE A 54 14.54 -11.43 3.11
CA PHE A 54 14.18 -11.42 1.69
C PHE A 54 13.70 -10.02 1.30
N HIS A 55 12.74 -9.49 2.07
CA HIS A 55 12.15 -8.17 1.81
C HIS A 55 13.13 -7.00 1.92
N ASP A 56 14.16 -7.14 2.74
CA ASP A 56 15.14 -6.07 2.88
C ASP A 56 16.08 -6.09 1.68
N ALA A 57 16.60 -7.26 1.35
CA ALA A 57 17.54 -7.41 0.24
C ALA A 57 16.96 -7.17 -1.15
N ILE A 58 15.72 -7.61 -1.37
CA ILE A 58 15.08 -7.49 -2.69
C ILE A 58 14.78 -6.06 -3.15
N GLY A 59 14.94 -5.09 -2.24
CA GLY A 59 14.72 -3.70 -2.63
C GLY A 59 15.98 -3.24 -3.32
N PHE A 60 16.22 -3.79 -4.51
CA PHE A 60 17.40 -3.54 -5.32
C PHE A 60 17.06 -3.76 -6.79
N SER A 61 17.09 -2.69 -7.58
CA SER A 61 16.75 -2.79 -9.00
C SER A 61 17.72 -2.07 -9.94
N PRO A 62 18.61 -2.82 -10.60
CA PRO A 62 19.54 -2.17 -11.52
C PRO A 62 18.75 -1.45 -12.61
N ALA A 63 17.57 -1.99 -12.92
CA ALA A 63 16.69 -1.44 -13.96
C ALA A 63 16.13 -0.06 -13.60
N LEU A 64 15.82 0.12 -12.32
CA LEU A 64 15.31 1.40 -11.84
C LEU A 64 16.40 2.44 -11.94
N THR A 65 17.60 2.04 -11.53
CA THR A 65 18.79 2.89 -11.56
C THR A 65 19.03 3.34 -12.99
N ALA A 66 19.01 2.39 -13.93
CA ALA A 66 19.22 2.71 -15.34
C ALA A 66 18.16 3.69 -15.82
N ALA A 67 16.91 3.48 -15.41
CA ALA A 67 15.81 4.35 -15.80
C ALA A 67 15.98 5.76 -15.23
N GLY A 68 17.01 5.94 -14.40
CA GLY A 68 17.27 7.25 -13.82
C GLY A 68 16.65 7.49 -12.46
N GLN A 69 16.34 6.40 -11.76
CA GLN A 69 15.74 6.47 -10.42
C GLN A 69 16.55 5.68 -9.40
N PHE A 70 16.36 5.99 -8.13
CA PHE A 70 17.05 5.26 -7.06
C PHE A 70 16.49 3.84 -7.09
N GLY A 71 17.35 2.86 -7.35
CA GLY A 71 16.92 1.47 -7.43
C GLY A 71 16.78 0.70 -6.12
N GLY A 72 17.41 1.19 -5.07
CA GLY A 72 17.36 0.52 -3.79
C GLY A 72 18.77 0.11 -3.38
N GLY A 73 18.98 -0.06 -2.08
CA GLY A 73 20.30 -0.43 -1.58
C GLY A 73 20.54 -1.89 -1.25
N GLY A 74 19.64 -2.76 -1.69
CA GLY A 74 19.81 -4.19 -1.42
C GLY A 74 19.76 -4.51 0.05
N ALA A 75 20.68 -5.37 0.51
CA ALA A 75 20.75 -5.80 1.91
C ALA A 75 21.35 -4.75 2.84
N ASP A 76 20.81 -3.53 2.77
CA ASP A 76 21.30 -2.41 3.57
C ASP A 76 20.58 -2.19 4.89
N GLY A 77 19.64 -3.06 5.23
CA GLY A 77 18.92 -2.91 6.49
C GLY A 77 17.93 -1.77 6.54
N SER A 78 17.57 -1.23 5.38
CA SER A 78 16.63 -0.12 5.28
C SER A 78 15.24 -0.46 5.83
N ILE A 79 14.89 -1.76 5.84
CA ILE A 79 13.59 -2.19 6.34
C ILE A 79 13.47 -1.90 7.83
N ILE A 80 14.60 -1.83 8.51
CA ILE A 80 14.61 -1.51 9.94
C ILE A 80 14.89 -0.01 10.03
N ALA A 81 15.92 0.43 9.31
CA ALA A 81 16.33 1.83 9.30
C ALA A 81 15.23 2.77 8.82
N HIS A 82 14.39 2.28 7.91
CA HIS A 82 13.29 3.07 7.35
C HIS A 82 12.00 2.30 7.44
N SER A 83 11.76 1.67 8.58
CA SER A 83 10.57 0.87 8.80
C SER A 83 9.28 1.69 8.66
N ASN A 84 9.33 2.94 9.11
CA ASN A 84 8.19 3.85 9.05
C ASN A 84 7.63 3.96 7.63
N ILE A 85 8.49 3.77 6.64
CA ILE A 85 8.09 3.80 5.24
C ILE A 85 7.84 2.39 4.70
N GLU A 86 8.83 1.53 4.91
CA GLU A 86 8.78 0.15 4.43
C GLU A 86 7.75 -0.78 5.07
N LEU A 87 7.54 -0.65 6.38
CA LEU A 87 6.55 -1.50 7.03
C LEU A 87 5.14 -1.07 6.64
N ALA A 88 5.05 0.01 5.86
CA ALA A 88 3.77 0.50 5.40
C ALA A 88 3.39 -0.27 4.13
N PHE A 89 4.39 -0.85 3.47
CA PHE A 89 4.15 -1.62 2.27
C PHE A 89 3.28 -2.82 2.64
N PRO A 90 2.25 -3.12 1.82
CA PRO A 90 1.35 -4.26 2.08
C PRO A 90 2.06 -5.60 2.20
N ALA A 91 3.23 -5.71 1.57
CA ALA A 91 4.01 -6.95 1.62
C ALA A 91 4.69 -7.15 2.97
N ASN A 92 4.89 -6.06 3.71
CA ASN A 92 5.56 -6.12 5.02
C ASN A 92 4.64 -6.11 6.22
N GLY A 93 3.47 -6.72 6.08
CA GLY A 93 2.53 -6.79 7.19
C GLY A 93 2.93 -7.81 8.23
N GLY A 94 2.54 -7.55 9.49
CA GLY A 94 2.86 -8.45 10.57
C GLY A 94 4.35 -8.58 10.89
N LEU A 95 5.12 -7.52 10.66
CA LEU A 95 6.56 -7.54 10.93
C LEU A 95 7.02 -6.46 11.91
N THR A 96 6.11 -5.55 12.27
CA THR A 96 6.43 -4.46 13.19
C THR A 96 7.22 -4.90 14.43
N ASP A 97 6.74 -5.92 15.12
CA ASP A 97 7.40 -6.40 16.33
C ASP A 97 8.75 -7.05 16.09
N THR A 98 8.86 -7.82 15.02
CA THR A 98 10.14 -8.46 14.71
C THR A 98 11.19 -7.38 14.44
N VAL A 99 10.77 -6.34 13.71
CA VAL A 99 11.64 -5.21 13.36
C VAL A 99 12.09 -4.42 14.59
N GLU A 100 11.14 -4.08 15.45
CA GLU A 100 11.45 -3.33 16.67
C GLU A 100 12.32 -4.16 17.61
N ALA A 101 12.14 -5.48 17.53
CA ALA A 101 12.92 -6.41 18.36
C ALA A 101 14.35 -6.38 17.85
N LEU A 102 14.50 -6.49 16.53
CA LEU A 102 15.81 -6.46 15.90
C LEU A 102 16.53 -5.12 16.02
N ARG A 103 15.76 -4.03 15.96
CA ARG A 103 16.34 -2.69 16.07
C ARG A 103 17.13 -2.52 17.37
N ALA A 104 16.54 -2.92 18.50
CA ALA A 104 17.19 -2.83 19.80
C ALA A 104 18.51 -3.61 19.80
N VAL A 105 18.43 -4.89 19.46
CA VAL A 105 19.63 -5.70 19.42
C VAL A 105 20.72 -4.97 18.65
N GLY A 106 20.37 -4.46 17.47
CA GLY A 106 21.31 -3.76 16.63
C GLY A 106 21.98 -2.55 17.26
N ILE A 107 21.17 -1.63 17.77
CA ILE A 107 21.70 -0.43 18.42
C ILE A 107 22.55 -0.88 19.59
N ASN A 108 21.90 -1.51 20.56
CA ASN A 108 22.55 -2.03 21.76
C ASN A 108 23.94 -2.61 21.49
N HIS A 109 24.05 -3.46 20.48
CA HIS A 109 25.33 -4.08 20.15
C HIS A 109 26.17 -3.25 19.20
N GLY A 110 25.59 -2.18 18.67
CA GLY A 110 26.32 -1.31 17.76
C GLY A 110 26.69 -1.96 16.44
N VAL A 111 25.84 -2.84 15.92
CA VAL A 111 26.09 -3.49 14.63
C VAL A 111 25.14 -2.91 13.59
N SER A 112 25.53 -2.96 12.32
CA SER A 112 24.67 -2.41 11.28
C SER A 112 23.43 -3.29 11.14
N PHE A 113 22.31 -2.68 10.76
CA PHE A 113 21.07 -3.41 10.57
C PHE A 113 21.18 -4.42 9.41
N GLY A 114 21.90 -4.04 8.36
CA GLY A 114 22.07 -4.94 7.23
C GLY A 114 22.82 -6.21 7.63
N ASP A 115 23.82 -6.07 8.51
CA ASP A 115 24.61 -7.20 9.00
C ASP A 115 23.81 -8.04 9.99
N LEU A 116 23.07 -7.37 10.87
CA LEU A 116 22.27 -8.05 11.87
C LEU A 116 21.19 -8.95 11.27
N ILE A 117 20.46 -8.43 10.27
CA ILE A 117 19.42 -9.20 9.60
C ILE A 117 20.04 -10.45 8.98
N GLN A 118 21.14 -10.25 8.26
CA GLN A 118 21.85 -11.36 7.64
C GLN A 118 22.37 -12.34 8.71
N PHE A 119 22.83 -11.82 9.84
CA PHE A 119 23.34 -12.65 10.93
C PHE A 119 22.21 -13.40 11.63
N ALA A 120 21.13 -12.70 11.91
CA ALA A 120 19.97 -13.28 12.56
C ALA A 120 19.38 -14.41 11.71
N THR A 121 19.53 -14.28 10.40
CA THR A 121 19.02 -15.28 9.47
C THR A 121 19.81 -16.58 9.57
N ALA A 122 21.13 -16.48 9.46
CA ALA A 122 22.00 -17.65 9.54
C ALA A 122 21.83 -18.35 10.89
N VAL A 123 21.66 -17.54 11.94
CA VAL A 123 21.48 -18.05 13.30
C VAL A 123 20.11 -18.69 13.47
N GLY A 124 19.08 -18.04 12.92
CA GLY A 124 17.73 -18.58 13.01
C GLY A 124 17.62 -19.91 12.29
N MET A 125 18.35 -20.05 11.18
CA MET A 125 18.34 -21.28 10.41
C MET A 125 18.93 -22.45 11.20
N SER A 126 19.92 -22.15 12.05
CA SER A 126 20.58 -23.18 12.85
C SER A 126 19.66 -23.78 13.90
N ASN A 127 18.58 -23.07 14.23
CA ASN A 127 17.64 -23.55 15.24
C ASN A 127 16.65 -24.57 14.67
N CYS A 128 16.66 -24.72 13.35
CA CYS A 128 15.74 -25.66 12.67
C CYS A 128 16.49 -26.85 12.08
N PRO A 129 16.16 -28.06 12.53
CA PRO A 129 16.76 -29.32 12.08
C PRO A 129 16.84 -29.48 10.56
N GLY A 130 18.00 -29.89 10.05
CA GLY A 130 18.15 -30.08 8.62
C GLY A 130 18.62 -28.88 7.81
N SER A 131 18.75 -27.73 8.47
CA SER A 131 19.19 -26.51 7.78
C SER A 131 20.69 -26.54 7.48
N PRO A 132 21.10 -25.95 6.34
CA PRO A 132 22.52 -25.92 6.00
C PRO A 132 23.16 -24.80 6.83
N ARG A 133 24.48 -24.65 6.78
CA ARG A 133 25.13 -23.59 7.56
C ARG A 133 25.42 -22.40 6.65
N LEU A 134 24.47 -21.47 6.63
CA LEU A 134 24.57 -20.28 5.78
C LEU A 134 25.80 -19.45 6.06
N GLU A 135 26.49 -19.07 4.99
CA GLU A 135 27.69 -18.25 5.08
C GLU A 135 27.34 -16.92 5.74
N PHE A 136 28.31 -16.28 6.39
CA PHE A 136 28.08 -14.99 7.03
C PHE A 136 29.23 -14.00 6.86
N LEU A 137 28.98 -12.93 6.12
CA LEU A 137 29.97 -11.89 5.89
C LEU A 137 29.57 -10.68 6.73
N THR A 138 30.56 -9.94 7.21
CA THR A 138 30.28 -8.76 8.02
C THR A 138 30.94 -7.53 7.39
N GLY A 139 30.39 -6.35 7.65
CA GLY A 139 30.97 -5.13 7.11
C GLY A 139 30.09 -4.28 6.21
N ARG A 140 28.78 -4.42 6.28
CA ARG A 140 27.89 -3.60 5.45
C ARG A 140 27.66 -2.25 6.12
N SER A 141 27.70 -1.18 5.34
CA SER A 141 27.48 0.16 5.87
C SER A 141 26.19 0.25 6.67
N SER A 142 26.21 1.09 7.69
CA SER A 142 25.04 1.26 8.53
C SER A 142 24.04 2.24 7.92
N SER A 143 24.48 2.97 6.91
CA SER A 143 23.60 3.95 6.26
C SER A 143 22.83 3.34 5.09
N SER A 144 21.54 3.64 5.04
CA SER A 144 20.67 3.15 3.99
C SER A 144 19.54 4.16 3.75
N GLN A 145 18.89 4.04 2.60
CA GLN A 145 17.77 4.90 2.25
C GLN A 145 16.57 3.99 2.16
N PRO A 146 15.36 4.54 2.26
CA PRO A 146 14.18 3.67 2.18
C PRO A 146 14.11 2.99 0.82
N SER A 147 13.62 1.75 0.80
CA SER A 147 13.50 1.00 -0.45
C SER A 147 12.38 1.55 -1.34
N PRO A 148 12.58 1.48 -2.67
CA PRO A 148 11.55 1.97 -3.58
C PRO A 148 10.34 1.03 -3.40
N PRO A 149 9.11 1.54 -3.50
CA PRO A 149 7.97 0.63 -3.32
C PRO A 149 7.82 -0.32 -4.51
N SER A 150 6.94 -1.30 -4.37
CA SER A 150 6.65 -2.26 -5.43
C SER A 150 7.85 -3.08 -5.94
N LEU A 151 8.76 -3.46 -5.05
CA LEU A 151 9.91 -4.25 -5.46
C LEU A 151 9.86 -5.68 -4.91
N ILE A 152 8.90 -5.94 -4.03
CA ILE A 152 8.74 -7.26 -3.44
C ILE A 152 7.71 -8.10 -4.21
N PRO A 153 8.12 -9.24 -4.78
CA PRO A 153 7.21 -10.11 -5.54
C PRO A 153 6.07 -10.61 -4.63
N GLY A 154 4.84 -10.61 -5.14
CA GLY A 154 3.71 -11.03 -4.35
C GLY A 154 3.04 -12.33 -4.80
N PRO A 155 2.22 -12.94 -3.92
CA PRO A 155 1.51 -14.19 -4.23
C PRO A 155 0.42 -14.01 -5.28
N GLY A 156 0.11 -12.75 -5.58
CA GLY A 156 -0.89 -12.46 -6.59
C GLY A 156 -0.25 -12.29 -7.96
N ASN A 157 1.08 -12.13 -7.96
CA ASN A 157 1.86 -11.94 -9.17
C ASN A 157 1.95 -13.18 -10.04
N THR A 158 2.15 -12.97 -11.33
CA THR A 158 2.28 -14.05 -12.29
C THR A 158 3.73 -14.55 -12.26
N VAL A 159 3.97 -15.74 -12.80
CA VAL A 159 5.33 -16.27 -12.82
C VAL A 159 6.26 -15.32 -13.59
N THR A 160 5.78 -14.79 -14.71
CA THR A 160 6.57 -13.85 -15.49
C THR A 160 6.93 -12.66 -14.60
N ALA A 161 5.91 -12.10 -13.94
CA ALA A 161 6.10 -10.96 -13.05
C ALA A 161 7.19 -11.24 -12.02
N ILE A 162 7.06 -12.39 -11.36
CA ILE A 162 8.02 -12.81 -10.34
C ILE A 162 9.43 -13.04 -10.90
N LEU A 163 9.53 -13.72 -12.03
CA LEU A 163 10.83 -14.00 -12.64
C LEU A 163 11.49 -12.73 -13.18
N ASP A 164 10.73 -11.85 -13.81
CA ASP A 164 11.30 -10.60 -14.31
C ASP A 164 11.83 -9.75 -13.14
N ARG A 165 11.02 -9.64 -12.08
CA ARG A 165 11.41 -8.87 -10.90
C ARG A 165 12.66 -9.45 -10.25
N MET A 166 12.67 -10.77 -10.06
CA MET A 166 13.82 -11.47 -9.46
C MET A 166 15.03 -11.50 -10.40
N GLY A 167 14.78 -11.61 -11.69
CA GLY A 167 15.88 -11.61 -12.65
C GLY A 167 16.57 -10.25 -12.65
N ASP A 168 15.76 -9.19 -12.63
CA ASP A 168 16.28 -7.83 -12.59
C ASP A 168 17.19 -7.67 -11.36
N ALA A 169 16.72 -8.16 -10.21
CA ALA A 169 17.50 -8.07 -8.98
C ALA A 169 18.79 -8.87 -9.06
N GLY A 170 18.86 -9.80 -10.02
CA GLY A 170 20.06 -10.60 -10.21
C GLY A 170 19.93 -12.12 -10.08
N PHE A 171 18.71 -12.62 -9.92
CA PHE A 171 18.47 -14.06 -9.78
C PHE A 171 17.88 -14.74 -11.00
N SER A 172 18.36 -15.95 -11.29
CA SER A 172 17.84 -16.70 -12.43
C SER A 172 16.62 -17.46 -11.97
N PRO A 173 15.86 -18.02 -12.91
CA PRO A 173 14.65 -18.78 -12.56
C PRO A 173 14.99 -19.88 -11.55
N ASP A 174 16.08 -20.61 -11.81
CA ASP A 174 16.50 -21.68 -10.91
C ASP A 174 16.84 -21.18 -9.52
N GLU A 175 17.45 -20.00 -9.42
CA GLU A 175 17.79 -19.44 -8.13
C GLU A 175 16.52 -18.99 -7.39
N VAL A 176 15.50 -18.60 -8.14
CA VAL A 176 14.24 -18.19 -7.52
C VAL A 176 13.63 -19.41 -6.81
N VAL A 177 13.66 -20.55 -7.50
CA VAL A 177 13.15 -21.80 -6.93
C VAL A 177 13.97 -22.15 -5.68
N ASP A 178 15.29 -22.06 -5.78
CA ASP A 178 16.18 -22.38 -4.65
C ASP A 178 15.92 -21.54 -3.38
N LEU A 179 15.73 -20.23 -3.54
CA LEU A 179 15.48 -19.36 -2.39
C LEU A 179 14.17 -19.76 -1.69
N LEU A 180 13.23 -20.27 -2.47
CA LEU A 180 11.93 -20.68 -1.94
C LEU A 180 11.96 -21.94 -1.05
N ALA A 181 13.15 -22.50 -0.85
CA ALA A 181 13.30 -23.66 0.02
C ALA A 181 12.97 -23.16 1.43
N ALA A 182 12.92 -21.83 1.57
CA ALA A 182 12.60 -21.17 2.83
C ALA A 182 11.15 -21.46 3.28
N HIS A 183 10.28 -21.76 2.31
CA HIS A 183 8.89 -22.07 2.62
C HIS A 183 8.75 -23.45 3.29
N SER A 184 9.90 -24.11 3.51
CA SER A 184 9.94 -25.40 4.19
C SER A 184 9.78 -25.13 5.70
N LEU A 185 10.00 -23.89 6.10
CA LEU A 185 9.87 -23.47 7.50
C LEU A 185 8.94 -22.24 7.48
N ALA A 186 7.68 -22.45 7.09
CA ALA A 186 6.76 -21.33 6.95
C ALA A 186 5.28 -21.63 7.17
N SER A 187 4.52 -20.55 7.32
CA SER A 187 3.07 -20.60 7.49
C SER A 187 2.54 -19.23 7.01
N GLN A 188 1.23 -19.04 7.03
CA GLN A 188 0.68 -17.75 6.63
C GLN A 188 -0.24 -17.26 7.74
N GLU A 189 -0.26 -15.95 7.94
CA GLU A 189 -1.10 -15.36 8.98
C GLU A 189 -2.07 -14.36 8.40
N GLY A 190 -1.67 -13.71 7.30
CA GLY A 190 -2.51 -12.71 6.68
C GLY A 190 -3.22 -13.00 5.38
N LEU A 191 -2.90 -14.12 4.74
CA LEU A 191 -3.55 -14.47 3.49
C LEU A 191 -4.96 -14.98 3.73
N ASN A 192 -5.12 -15.76 4.80
CA ASN A 192 -6.42 -16.30 5.20
C ASN A 192 -6.43 -16.35 6.73
N SER A 193 -6.76 -15.22 7.34
CA SER A 193 -6.80 -15.05 8.79
C SER A 193 -7.66 -16.06 9.54
N ALA A 194 -8.60 -16.67 8.84
CA ALA A 194 -9.49 -17.67 9.43
C ALA A 194 -8.66 -18.85 9.95
N ILE A 195 -7.64 -19.23 9.17
CA ILE A 195 -6.76 -20.34 9.51
C ILE A 195 -5.34 -19.79 9.73
N PHE A 196 -5.24 -18.92 10.73
CA PHE A 196 -4.00 -18.27 11.12
C PHE A 196 -2.87 -19.29 11.37
N ARG A 197 -1.72 -19.05 10.74
CA ARG A 197 -0.55 -19.91 10.85
C ARG A 197 -0.59 -21.31 10.25
N SER A 198 -1.46 -21.51 9.25
CA SER A 198 -1.55 -22.78 8.56
C SER A 198 -0.19 -22.99 7.88
N PRO A 199 0.49 -24.13 8.15
CA PRO A 199 1.79 -24.42 7.55
C PRO A 199 1.77 -24.50 6.03
N LEU A 200 2.94 -24.31 5.42
CA LEU A 200 3.07 -24.38 3.98
C LEU A 200 3.51 -25.80 3.59
N ASP A 201 4.00 -26.55 4.58
CA ASP A 201 4.39 -27.95 4.40
C ASP A 201 4.23 -28.67 5.75
N SER A 202 4.18 -30.00 5.72
CA SER A 202 3.98 -30.81 6.93
C SER A 202 5.02 -30.69 8.04
N THR A 203 6.15 -30.04 7.75
CA THR A 203 7.21 -29.87 8.75
C THR A 203 7.78 -28.44 8.80
N PRO A 204 6.98 -27.46 9.27
CA PRO A 204 7.43 -26.07 9.36
C PRO A 204 8.56 -25.81 10.37
N GLN A 205 9.04 -26.87 11.02
CA GLN A 205 10.14 -26.77 12.00
C GLN A 205 11.32 -27.64 11.60
N VAL A 206 11.31 -28.10 10.34
CA VAL A 206 12.39 -28.92 9.80
C VAL A 206 12.68 -28.50 8.37
N PHE A 207 13.91 -28.05 8.12
CA PHE A 207 14.31 -27.62 6.79
C PHE A 207 14.51 -28.85 5.92
N ASP A 208 13.49 -29.19 5.14
CA ASP A 208 13.52 -30.37 4.27
C ASP A 208 12.79 -30.15 2.94
N THR A 209 12.82 -31.17 2.08
CA THR A 209 12.20 -31.11 0.77
C THR A 209 10.68 -31.25 0.74
N GLN A 210 10.04 -31.39 1.90
CA GLN A 210 8.59 -31.57 1.92
C GLN A 210 7.82 -30.50 1.16
N PHE A 211 8.23 -29.25 1.33
CA PHE A 211 7.59 -28.14 0.67
C PHE A 211 7.45 -28.38 -0.86
N TYR A 212 8.56 -28.75 -1.51
CA TYR A 212 8.57 -29.00 -2.96
C TYR A 212 7.71 -30.20 -3.35
N ILE A 213 7.78 -31.24 -2.53
CA ILE A 213 6.98 -32.44 -2.75
C ILE A 213 5.47 -32.13 -2.64
N GLU A 214 5.06 -31.64 -1.48
CA GLU A 214 3.67 -31.33 -1.20
C GLU A 214 3.01 -30.28 -2.07
N THR A 215 3.77 -29.31 -2.57
CA THR A 215 3.19 -28.29 -3.43
C THR A 215 2.87 -28.89 -4.82
N LEU A 216 3.52 -30.01 -5.14
CA LEU A 216 3.32 -30.69 -6.42
C LEU A 216 2.18 -31.72 -6.39
N LEU A 217 1.59 -31.93 -5.20
CA LEU A 217 0.48 -32.87 -5.06
C LEU A 217 -0.78 -32.19 -5.61
N LYS A 218 -1.75 -32.99 -6.04
CA LYS A 218 -2.98 -32.43 -6.56
C LYS A 218 -3.70 -31.67 -5.46
N GLY A 219 -4.16 -30.47 -5.80
CA GLY A 219 -4.89 -29.65 -4.84
C GLY A 219 -6.30 -30.21 -4.71
N THR A 220 -6.63 -30.70 -3.52
CA THR A 220 -7.93 -31.31 -3.27
C THR A 220 -8.62 -30.74 -2.05
N THR A 221 -7.89 -29.98 -1.24
CA THR A 221 -8.44 -29.47 0.01
C THR A 221 -8.45 -27.96 0.24
N GLN A 222 -9.56 -27.49 0.80
CA GLN A 222 -9.73 -26.10 1.16
C GLN A 222 -9.70 -26.17 2.69
N PRO A 223 -8.57 -25.76 3.30
CA PRO A 223 -8.39 -25.79 4.75
C PRO A 223 -9.27 -24.85 5.60
N GLY A 224 -9.70 -23.74 5.01
CA GLY A 224 -10.53 -22.80 5.74
C GLY A 224 -11.92 -22.59 5.16
N PRO A 225 -12.79 -21.85 5.88
CA PRO A 225 -14.16 -21.57 5.45
C PRO A 225 -14.23 -21.14 3.99
N SER A 226 -13.19 -20.48 3.52
CA SER A 226 -13.13 -20.06 2.13
C SER A 226 -11.70 -20.08 1.60
N LEU A 227 -11.58 -19.97 0.29
CA LEU A 227 -10.29 -19.97 -0.38
C LEU A 227 -9.77 -18.55 -0.52
N GLY A 228 -8.74 -18.21 0.26
CA GLY A 228 -8.15 -16.89 0.23
C GLY A 228 -7.89 -16.32 -1.16
N PHE A 229 -7.67 -15.01 -1.20
CA PHE A 229 -7.42 -14.29 -2.45
C PHE A 229 -6.27 -14.92 -3.27
N ALA A 230 -5.12 -15.12 -2.65
CA ALA A 230 -3.95 -15.72 -3.31
C ALA A 230 -3.70 -17.16 -2.80
N GLU A 231 -4.79 -17.88 -2.53
CA GLU A 231 -4.74 -19.25 -2.02
C GLU A 231 -5.37 -20.26 -2.97
N GLU A 232 -4.80 -21.46 -2.99
CA GLU A 232 -5.29 -22.54 -3.83
C GLU A 232 -5.53 -23.78 -2.98
N LEU A 233 -6.23 -24.76 -3.55
CA LEU A 233 -6.52 -26.00 -2.84
C LEU A 233 -5.22 -26.67 -2.47
N SER A 234 -5.16 -27.23 -1.26
CA SER A 234 -3.96 -27.93 -0.79
C SER A 234 -4.18 -29.45 -0.84
N PRO A 235 -3.16 -30.24 -0.43
CA PRO A 235 -3.30 -31.70 -0.45
C PRO A 235 -3.99 -32.32 0.78
N PHE A 236 -3.99 -31.61 1.91
CA PHE A 236 -4.63 -32.10 3.13
C PHE A 236 -4.98 -30.98 4.13
N PRO A 237 -5.85 -31.27 5.12
CA PRO A 237 -6.25 -30.29 6.12
C PRO A 237 -5.08 -29.67 6.85
N GLY A 238 -5.21 -28.38 7.18
CA GLY A 238 -4.16 -27.68 7.90
C GLY A 238 -3.07 -27.05 7.04
N GLU A 239 -2.90 -27.57 5.83
CA GLU A 239 -1.88 -27.04 4.94
C GLU A 239 -2.41 -25.97 3.97
N PHE A 240 -1.68 -24.86 3.90
CA PHE A 240 -2.04 -23.75 3.04
C PHE A 240 -1.19 -23.78 1.76
N ARG A 241 -1.84 -23.53 0.63
CA ARG A 241 -1.12 -23.49 -0.64
C ARG A 241 -1.26 -22.11 -1.27
N MET A 242 -0.12 -21.44 -1.41
CA MET A 242 -0.04 -20.10 -1.97
C MET A 242 -0.09 -20.19 -3.50
N ARG A 243 -0.84 -19.30 -4.13
CA ARG A 243 -0.99 -19.29 -5.58
C ARG A 243 0.32 -19.22 -6.35
N SER A 244 1.25 -18.40 -5.88
CA SER A 244 2.55 -18.26 -6.55
C SER A 244 3.38 -19.55 -6.47
N ASP A 245 3.29 -20.25 -5.35
CA ASP A 245 4.03 -21.49 -5.15
C ASP A 245 3.45 -22.56 -6.07
N ALA A 246 2.13 -22.63 -6.12
CA ALA A 246 1.44 -23.60 -6.95
C ALA A 246 1.78 -23.41 -8.44
N LEU A 247 1.90 -22.17 -8.86
CA LEU A 247 2.21 -21.83 -10.25
C LEU A 247 3.69 -22.07 -10.56
N LEU A 248 4.57 -21.68 -9.64
CA LEU A 248 6.01 -21.85 -9.85
C LEU A 248 6.39 -23.32 -9.96
N ALA A 249 5.68 -24.17 -9.23
CA ALA A 249 5.94 -25.61 -9.24
C ALA A 249 5.58 -26.25 -10.59
N ARG A 250 4.55 -25.69 -11.23
CA ARG A 250 4.04 -26.20 -12.49
C ARG A 250 4.46 -25.47 -13.78
N ASP A 251 5.05 -24.27 -13.65
CA ASP A 251 5.45 -23.50 -14.82
C ASP A 251 6.66 -24.10 -15.55
N SER A 252 6.57 -24.13 -16.88
CA SER A 252 7.63 -24.69 -17.72
C SER A 252 9.02 -24.08 -17.50
N ARG A 253 9.07 -22.84 -17.07
CA ARG A 253 10.32 -22.13 -16.86
C ARG A 253 11.01 -22.50 -15.54
N THR A 254 10.24 -23.03 -14.61
CA THR A 254 10.76 -23.40 -13.29
C THR A 254 10.48 -24.83 -12.78
N ALA A 255 9.57 -25.52 -13.45
CA ALA A 255 9.19 -26.88 -13.06
C ALA A 255 10.30 -27.90 -12.84
N CYS A 256 11.28 -27.94 -13.74
CA CYS A 256 12.37 -28.89 -13.62
C CYS A 256 13.25 -28.72 -12.38
N ARG A 257 13.51 -27.47 -12.00
CA ARG A 257 14.32 -27.20 -10.81
C ARG A 257 13.53 -27.62 -9.57
N TRP A 258 12.25 -27.26 -9.56
CA TRP A 258 11.32 -27.59 -8.47
C TRP A 258 11.27 -29.10 -8.27
N GLN A 259 11.22 -29.81 -9.39
CA GLN A 259 11.18 -31.27 -9.41
C GLN A 259 12.43 -31.92 -8.80
N SER A 260 13.62 -31.43 -9.15
CA SER A 260 14.87 -31.99 -8.61
C SER A 260 15.07 -31.65 -7.14
N MET A 261 14.35 -30.65 -6.66
CA MET A 261 14.44 -30.22 -5.26
C MET A 261 13.59 -31.05 -4.30
N THR A 262 13.00 -32.13 -4.81
CA THR A 262 12.17 -32.98 -3.97
C THR A 262 12.87 -34.21 -3.37
N SER A 263 13.95 -34.67 -4.00
CA SER A 263 14.63 -35.89 -3.58
C SER A 263 15.75 -35.85 -2.55
N SER A 264 16.52 -34.77 -2.51
CA SER A 264 17.65 -34.70 -1.60
C SER A 264 17.66 -33.49 -0.68
N ASN A 265 17.79 -33.75 0.63
CA ASN A 265 17.85 -32.67 1.61
C ASN A 265 19.19 -31.93 1.49
N GLU A 266 20.26 -32.66 1.23
CA GLU A 266 21.60 -32.06 1.10
C GLU A 266 21.72 -31.13 -0.10
N VAL A 267 21.24 -31.59 -1.25
CA VAL A 267 21.30 -30.80 -2.46
C VAL A 267 20.46 -29.54 -2.30
N MET A 268 19.24 -29.70 -1.79
CA MET A 268 18.36 -28.56 -1.55
C MET A 268 19.09 -27.56 -0.67
N GLY A 269 19.74 -28.05 0.38
CA GLY A 269 20.48 -27.20 1.29
C GLY A 269 21.64 -26.47 0.63
N GLN A 270 22.34 -27.17 -0.25
CA GLN A 270 23.47 -26.60 -0.97
C GLN A 270 23.03 -25.42 -1.85
N ARG A 271 22.01 -25.67 -2.67
CA ARG A 271 21.47 -24.68 -3.58
C ARG A 271 20.91 -23.44 -2.88
N TYR A 272 20.26 -23.67 -1.73
CA TYR A 272 19.68 -22.59 -0.94
C TYR A 272 20.81 -21.71 -0.41
N ARG A 273 21.80 -22.34 0.21
CA ARG A 273 22.94 -21.60 0.77
C ARG A 273 23.60 -20.77 -0.32
N ALA A 274 23.76 -21.35 -1.50
CA ALA A 274 24.37 -20.64 -2.61
C ALA A 274 23.51 -19.45 -3.03
N ALA A 275 22.20 -19.62 -2.93
CA ALA A 275 21.25 -18.56 -3.29
C ALA A 275 21.24 -17.46 -2.23
N MET A 276 21.17 -17.88 -0.96
CA MET A 276 21.17 -16.94 0.15
C MET A 276 22.44 -16.10 0.19
N ALA A 277 23.57 -16.72 -0.17
CA ALA A 277 24.87 -16.04 -0.20
C ALA A 277 24.88 -14.97 -1.30
N LYS A 278 24.08 -15.23 -2.35
CA LYS A 278 23.94 -14.33 -3.48
C LYS A 278 23.13 -13.11 -3.05
N MET A 279 22.04 -13.38 -2.34
CA MET A 279 21.13 -12.34 -1.86
C MET A 279 21.72 -11.46 -0.77
N SER A 280 22.60 -12.02 0.05
CA SER A 280 23.21 -11.29 1.15
C SER A 280 24.03 -10.08 0.70
N VAL A 281 24.62 -10.17 -0.49
CA VAL A 281 25.44 -9.08 -1.00
C VAL A 281 24.82 -8.32 -2.16
N LEU A 282 23.50 -8.16 -2.18
CA LEU A 282 22.88 -7.38 -3.24
C LEU A 282 23.11 -5.93 -2.85
N GLY A 283 23.77 -5.19 -3.73
CA GLY A 283 24.07 -3.79 -3.45
C GLY A 283 25.40 -3.66 -2.72
N PHE A 284 26.17 -4.74 -2.73
CA PHE A 284 27.46 -4.78 -2.04
C PHE A 284 28.53 -5.54 -2.83
N ASP A 285 29.79 -5.30 -2.49
CA ASP A 285 30.91 -5.98 -3.13
C ASP A 285 31.45 -6.98 -2.13
N ARG A 286 31.42 -8.26 -2.51
CA ARG A 286 31.88 -9.33 -1.66
C ARG A 286 33.30 -9.05 -1.14
N ASN A 287 34.19 -8.67 -2.06
CA ASN A 287 35.57 -8.37 -1.71
C ASN A 287 35.71 -7.38 -0.56
N ALA A 288 34.73 -6.50 -0.42
CA ALA A 288 34.78 -5.51 0.64
C ALA A 288 34.26 -5.98 1.99
N LEU A 289 33.79 -7.22 2.08
CA LEU A 289 33.26 -7.73 3.34
C LEU A 289 34.11 -8.82 3.99
N THR A 290 34.08 -8.90 5.31
CA THR A 290 34.87 -9.89 6.05
C THR A 290 34.07 -11.14 6.38
N ASP A 291 34.61 -12.29 5.97
CA ASP A 291 33.97 -13.58 6.23
C ASP A 291 34.05 -13.95 7.71
N CYS A 292 32.89 -14.18 8.31
CA CYS A 292 32.79 -14.57 9.71
C CYS A 292 31.87 -15.78 9.82
N SER A 293 31.85 -16.59 8.76
CA SER A 293 31.02 -17.78 8.69
C SER A 293 31.21 -18.75 9.86
N ASP A 294 32.37 -18.68 10.52
CA ASP A 294 32.63 -19.59 11.64
C ASP A 294 31.92 -19.27 12.95
N VAL A 295 31.15 -18.18 12.98
CA VAL A 295 30.42 -17.78 14.18
C VAL A 295 29.05 -18.46 14.21
N ILE A 296 28.64 -18.96 13.04
CA ILE A 296 27.35 -19.60 12.89
C ILE A 296 27.36 -21.06 13.37
N PRO A 297 26.45 -21.40 14.30
CA PRO A 297 26.37 -22.77 14.83
C PRO A 297 25.70 -23.75 13.86
N SER A 298 26.01 -25.04 13.99
CA SER A 298 25.42 -26.04 13.12
C SER A 298 24.03 -26.42 13.64
N ALA A 299 23.11 -26.68 12.71
CA ALA A 299 21.76 -27.09 13.05
C ALA A 299 21.78 -28.60 13.29
N VAL A 300 20.85 -29.10 14.10
CA VAL A 300 20.78 -30.54 14.37
C VAL A 300 20.40 -31.24 13.08
N SER A 301 21.02 -32.40 12.85
CA SER A 301 20.81 -33.19 11.64
C SER A 301 19.37 -33.64 11.45
N ASN A 302 18.99 -33.81 10.18
CA ASN A 302 17.67 -34.29 9.82
C ASN A 302 17.93 -35.64 9.15
N ASN A 303 17.73 -36.72 9.89
CA ASN A 303 17.97 -38.05 9.34
C ASN A 303 16.80 -38.62 8.56
N ALA A 304 15.62 -38.03 8.75
CA ALA A 304 14.44 -38.47 8.05
C ALA A 304 14.64 -38.27 6.55
N ALA A 305 14.10 -39.17 5.74
CA ALA A 305 14.21 -39.08 4.29
C ALA A 305 12.91 -38.55 3.71
N PRO A 306 12.97 -37.97 2.49
CA PRO A 306 11.79 -37.43 1.82
C PRO A 306 10.69 -38.49 1.65
N VAL A 307 9.44 -38.10 1.82
CA VAL A 307 8.32 -39.02 1.66
C VAL A 307 7.07 -38.32 1.14
N ILE A 308 6.18 -39.10 0.56
CA ILE A 308 4.92 -38.56 0.08
C ILE A 308 3.94 -38.87 1.21
N PRO A 309 3.46 -37.82 1.89
CA PRO A 309 2.52 -37.89 3.01
C PRO A 309 1.22 -38.68 2.90
N GLY A 310 0.67 -39.02 4.07
CA GLY A 310 -0.57 -39.75 4.22
C GLY A 310 -1.16 -40.62 3.14
N GLY A 311 -0.59 -41.81 2.95
CA GLY A 311 -1.11 -42.74 1.96
C GLY A 311 -1.17 -42.28 0.52
N LEU A 312 -0.71 -41.05 0.27
CA LEU A 312 -0.70 -40.49 -1.07
C LEU A 312 0.51 -41.09 -1.78
N THR A 313 0.35 -41.41 -3.06
CA THR A 313 1.43 -42.01 -3.84
C THR A 313 2.06 -41.03 -4.80
N VAL A 314 3.13 -41.46 -5.47
CA VAL A 314 3.82 -40.62 -6.44
C VAL A 314 2.92 -40.35 -7.65
N ASP A 315 1.90 -41.19 -7.81
CA ASP A 315 0.96 -41.04 -8.90
C ASP A 315 0.02 -39.87 -8.64
N ASP A 316 0.08 -39.33 -7.42
CA ASP A 316 -0.77 -38.19 -7.05
C ASP A 316 0.00 -36.89 -7.33
N ILE A 317 1.25 -37.03 -7.73
CA ILE A 317 2.10 -35.90 -8.05
C ILE A 317 1.82 -35.43 -9.47
N GLU A 318 1.66 -34.12 -9.62
CA GLU A 318 1.40 -33.54 -10.92
C GLU A 318 2.74 -33.18 -11.57
N VAL A 319 3.43 -34.21 -12.06
CA VAL A 319 4.74 -34.06 -12.71
C VAL A 319 4.73 -32.97 -13.77
N SER A 320 5.53 -31.93 -13.55
CA SER A 320 5.59 -30.81 -14.47
C SER A 320 6.87 -30.72 -15.31
N CYS A 321 7.79 -31.64 -15.10
CA CYS A 321 9.02 -31.66 -15.90
C CYS A 321 9.21 -33.09 -16.36
N PRO A 322 8.36 -33.57 -17.28
CA PRO A 322 8.45 -34.93 -17.79
C PRO A 322 9.68 -35.18 -18.66
N SER A 323 10.36 -34.12 -19.07
CA SER A 323 11.55 -34.25 -19.92
C SER A 323 12.68 -34.85 -19.12
N GLU A 324 12.55 -34.77 -17.80
CA GLU A 324 13.55 -35.31 -16.89
C GLU A 324 12.91 -36.34 -15.94
N PRO A 325 13.61 -37.46 -15.70
CA PRO A 325 13.14 -38.53 -14.81
C PRO A 325 12.74 -38.02 -13.43
N PHE A 326 11.58 -38.45 -12.94
CA PHE A 326 11.11 -38.02 -11.63
C PHE A 326 11.87 -38.80 -10.57
N PRO A 327 12.51 -38.10 -9.63
CA PRO A 327 13.30 -38.71 -8.54
C PRO A 327 12.59 -39.79 -7.72
N GLU A 328 13.38 -40.72 -7.19
CA GLU A 328 12.86 -41.82 -6.37
C GLU A 328 12.58 -41.31 -4.95
N ILE A 329 11.34 -41.43 -4.50
CA ILE A 329 11.00 -40.96 -3.16
C ILE A 329 10.06 -41.92 -2.43
N ALA A 330 10.42 -42.24 -1.19
CA ALA A 330 9.65 -43.15 -0.36
C ALA A 330 8.22 -42.64 -0.18
N ALA A 331 7.30 -43.57 0.07
CA ALA A 331 5.90 -43.20 0.26
C ALA A 331 5.43 -43.63 1.64
N ALA A 332 4.84 -42.72 2.39
CA ALA A 332 4.35 -43.03 3.72
C ALA A 332 2.87 -43.43 3.74
N SER A 333 2.54 -44.41 4.58
CA SER A 333 1.17 -44.89 4.69
C SER A 333 0.25 -43.85 5.28
N GLY A 334 -1.06 -44.04 5.08
CA GLY A 334 -2.04 -43.10 5.62
C GLY A 334 -2.19 -43.28 7.12
N PRO A 335 -3.21 -42.63 7.74
CA PRO A 335 -4.19 -41.75 7.09
C PRO A 335 -3.62 -40.41 6.62
N LEU A 336 -4.43 -39.66 5.88
CA LEU A 336 -4.03 -38.36 5.37
C LEU A 336 -3.83 -37.48 6.59
N PRO A 337 -2.83 -36.59 6.57
CA PRO A 337 -2.59 -35.73 7.72
C PRO A 337 -3.48 -34.49 7.79
N ALA A 338 -3.50 -33.89 8.98
CA ALA A 338 -4.26 -32.67 9.25
C ALA A 338 -3.29 -31.82 10.09
N LEU A 339 -2.60 -30.89 9.43
CA LEU A 339 -1.62 -30.04 10.08
C LEU A 339 -2.13 -29.10 11.17
N ALA A 340 -1.41 -29.08 12.29
CA ALA A 340 -1.74 -28.19 13.40
C ALA A 340 -1.00 -26.89 13.05
N PRO A 341 -1.47 -25.73 13.58
CA PRO A 341 -0.80 -24.47 13.26
C PRO A 341 0.68 -24.43 13.65
N ALA A 342 1.46 -23.67 12.88
CA ALA A 342 2.89 -23.55 13.13
C ALA A 342 3.13 -22.90 14.49
N PRO A 343 4.04 -23.49 15.30
CA PRO A 343 4.35 -22.95 16.62
C PRO A 343 4.98 -21.55 16.59
N SER B 8 -26.51 10.66 -32.10
CA SER B 8 -27.33 11.56 -31.22
C SER B 8 -28.71 10.97 -30.91
N VAL B 9 -29.26 11.39 -29.77
CA VAL B 9 -30.57 10.92 -29.33
C VAL B 9 -31.35 11.98 -28.55
N THR B 10 -32.67 12.00 -28.75
CA THR B 10 -33.53 12.93 -28.06
C THR B 10 -34.36 12.15 -27.05
N CYS B 11 -34.22 12.51 -25.78
CA CYS B 11 -34.92 11.83 -24.71
C CYS B 11 -36.41 12.14 -24.67
N PRO B 12 -37.19 11.36 -23.91
CA PRO B 12 -38.63 11.58 -23.81
C PRO B 12 -38.95 13.00 -23.36
N GLY B 13 -38.01 13.61 -22.64
CA GLY B 13 -38.19 14.96 -22.16
C GLY B 13 -37.81 16.01 -23.20
N GLY B 14 -37.26 15.54 -24.31
CA GLY B 14 -36.87 16.47 -25.37
C GLY B 14 -35.39 16.79 -25.37
N GLN B 15 -34.69 16.44 -24.29
CA GLN B 15 -33.26 16.71 -24.21
C GLN B 15 -32.48 15.99 -25.30
N SER B 16 -31.49 16.69 -25.87
CA SER B 16 -30.64 16.09 -26.89
C SER B 16 -29.43 15.60 -26.12
N THR B 17 -28.91 14.44 -26.51
CA THR B 17 -27.74 13.90 -25.83
C THR B 17 -26.99 12.97 -26.78
N SER B 18 -25.79 12.56 -26.37
CA SER B 18 -24.95 11.72 -27.21
C SER B 18 -25.21 10.21 -27.09
N ASN B 19 -26.06 9.82 -26.16
CA ASN B 19 -26.32 8.41 -25.97
C ASN B 19 -27.63 8.22 -25.21
N SER B 20 -28.35 7.13 -25.53
CA SER B 20 -29.62 6.82 -24.88
C SER B 20 -29.54 6.68 -23.37
N GLN B 21 -28.39 6.19 -22.87
CA GLN B 21 -28.22 6.00 -21.44
C GLN B 21 -27.87 7.28 -20.69
N CYS B 22 -27.96 8.41 -21.39
CA CYS B 22 -27.70 9.72 -20.79
C CYS B 22 -29.06 10.30 -20.43
N CYS B 23 -30.10 9.67 -20.95
CA CYS B 23 -31.47 10.11 -20.73
C CYS B 23 -32.00 9.97 -19.31
N VAL B 24 -31.65 8.87 -18.64
CA VAL B 24 -32.12 8.67 -17.28
C VAL B 24 -31.54 9.73 -16.36
N TRP B 25 -30.36 10.20 -16.69
CA TRP B 25 -29.66 11.21 -15.91
C TRP B 25 -30.34 12.57 -15.84
N PHE B 26 -31.15 12.90 -16.84
CA PHE B 26 -31.82 14.18 -16.82
C PHE B 26 -32.86 14.25 -15.70
N ASP B 27 -33.34 13.08 -15.28
CA ASP B 27 -34.34 13.01 -14.21
C ASP B 27 -33.68 13.07 -12.84
N VAL B 28 -32.43 12.62 -12.77
CA VAL B 28 -31.68 12.64 -11.52
C VAL B 28 -31.29 14.10 -11.30
N LEU B 29 -30.73 14.70 -12.34
CA LEU B 29 -30.31 16.09 -12.32
C LEU B 29 -31.44 16.97 -11.83
N ASP B 30 -32.65 16.63 -12.24
CA ASP B 30 -33.84 17.37 -11.86
C ASP B 30 -34.16 17.18 -10.39
N ASP B 31 -34.05 15.94 -9.94
CA ASP B 31 -34.32 15.55 -8.56
C ASP B 31 -33.33 16.24 -7.60
N LEU B 32 -32.04 15.99 -7.83
CA LEU B 32 -30.99 16.57 -7.00
C LEU B 32 -31.14 18.08 -6.87
N GLN B 33 -31.12 18.78 -8.00
CA GLN B 33 -31.22 20.23 -7.99
C GLN B 33 -32.39 20.75 -7.18
N THR B 34 -33.53 20.06 -7.29
CA THR B 34 -34.75 20.46 -6.58
C THR B 34 -34.73 20.15 -5.09
N ASN B 35 -34.36 18.93 -4.73
CA ASN B 35 -34.39 18.55 -3.33
C ASN B 35 -33.07 18.47 -2.60
N PHE B 36 -32.16 17.62 -3.07
CA PHE B 36 -30.86 17.49 -2.42
C PHE B 36 -30.18 18.85 -2.29
N TYR B 37 -30.18 19.60 -3.39
CA TYR B 37 -29.53 20.90 -3.43
C TYR B 37 -30.43 22.10 -3.13
N GLN B 38 -31.65 21.83 -2.68
CA GLN B 38 -32.58 22.90 -2.30
C GLN B 38 -32.72 24.06 -3.28
N GLY B 39 -32.63 23.78 -4.58
CA GLY B 39 -32.75 24.84 -5.56
C GLY B 39 -31.44 25.14 -6.23
N SER B 40 -30.73 24.09 -6.65
CA SER B 40 -29.44 24.25 -7.32
C SER B 40 -28.50 25.16 -6.54
N LYS B 41 -28.45 24.98 -5.22
CA LYS B 41 -27.61 25.80 -4.36
C LYS B 41 -26.24 25.20 -3.99
N CYS B 42 -25.29 26.08 -3.68
CA CYS B 42 -23.93 25.70 -3.32
C CYS B 42 -23.68 25.84 -1.82
N GLU B 43 -24.19 24.87 -1.06
CA GLU B 43 -24.06 24.87 0.39
C GLU B 43 -23.50 23.54 0.90
N SER B 44 -23.82 23.21 2.15
CA SER B 44 -23.34 21.99 2.80
C SER B 44 -23.44 20.70 1.95
N PRO B 45 -24.62 20.44 1.35
CA PRO B 45 -24.81 19.24 0.52
C PRO B 45 -23.72 19.02 -0.52
N VAL B 46 -23.36 20.09 -1.23
CA VAL B 46 -22.32 20.00 -2.25
C VAL B 46 -20.96 19.67 -1.61
N ARG B 47 -20.69 20.28 -0.47
CA ARG B 47 -19.44 20.05 0.25
C ARG B 47 -19.40 18.62 0.81
N LYS B 48 -20.54 18.17 1.36
CA LYS B 48 -20.66 16.82 1.89
C LYS B 48 -20.46 15.78 0.77
N ILE B 49 -21.04 16.05 -0.39
CA ILE B 49 -20.94 15.14 -1.52
C ILE B 49 -19.50 15.05 -2.03
N LEU B 50 -18.74 16.14 -1.93
CA LEU B 50 -17.36 16.13 -2.38
C LEU B 50 -16.52 15.23 -1.47
N ARG B 51 -16.87 15.19 -0.18
CA ARG B 51 -16.17 14.33 0.78
C ARG B 51 -16.50 12.87 0.44
N ILE B 52 -17.77 12.63 0.09
CA ILE B 52 -18.27 11.30 -0.25
C ILE B 52 -17.63 10.72 -1.51
N VAL B 53 -17.53 11.52 -2.57
CA VAL B 53 -16.93 11.06 -3.82
C VAL B 53 -15.45 10.70 -3.62
N PHE B 54 -14.74 11.48 -2.82
CA PHE B 54 -13.33 11.19 -2.55
C PHE B 54 -13.21 9.91 -1.72
N HIS B 55 -13.97 9.86 -0.62
CA HIS B 55 -13.95 8.71 0.28
C HIS B 55 -14.45 7.41 -0.33
N ASP B 56 -15.33 7.49 -1.31
CA ASP B 56 -15.84 6.28 -1.95
C ASP B 56 -14.80 5.75 -2.93
N ALA B 57 -14.27 6.63 -3.77
CA ALA B 57 -13.28 6.25 -4.78
C ALA B 57 -11.92 5.81 -4.25
N ILE B 58 -11.45 6.46 -3.18
CA ILE B 58 -10.14 6.17 -2.60
C ILE B 58 -10.00 4.78 -1.96
N GLY B 59 -11.11 4.08 -1.77
CA GLY B 59 -11.05 2.74 -1.21
C GLY B 59 -10.64 1.83 -2.36
N PHE B 60 -9.40 1.98 -2.80
CA PHE B 60 -8.82 1.24 -3.91
C PHE B 60 -7.31 1.13 -3.74
N SER B 61 -6.80 -0.08 -3.51
CA SER B 61 -5.38 -0.27 -3.29
C SER B 61 -4.76 -1.43 -4.06
N PRO B 62 -4.06 -1.12 -5.18
CA PRO B 62 -3.44 -2.20 -5.94
C PRO B 62 -2.45 -2.96 -5.06
N ALA B 63 -1.88 -2.25 -4.08
CA ALA B 63 -0.90 -2.82 -3.15
C ALA B 63 -1.51 -3.85 -2.22
N LEU B 64 -2.75 -3.62 -1.80
CA LEU B 64 -3.44 -4.55 -0.93
C LEU B 64 -3.71 -5.83 -1.72
N THR B 65 -4.16 -5.64 -2.95
CA THR B 65 -4.48 -6.73 -3.86
C THR B 65 -3.25 -7.59 -4.07
N ALA B 66 -2.12 -6.95 -4.34
CA ALA B 66 -0.85 -7.67 -4.54
C ALA B 66 -0.49 -8.45 -3.29
N ALA B 67 -0.68 -7.82 -2.12
CA ALA B 67 -0.37 -8.47 -0.86
C ALA B 67 -1.27 -9.68 -0.61
N GLY B 68 -2.24 -9.89 -1.49
CA GLY B 68 -3.14 -11.04 -1.35
C GLY B 68 -4.43 -10.74 -0.62
N GLN B 69 -4.82 -9.48 -0.57
CA GLN B 69 -6.05 -9.06 0.10
C GLN B 69 -6.95 -8.24 -0.84
N PHE B 70 -8.23 -8.13 -0.49
CA PHE B 70 -9.17 -7.35 -1.28
C PHE B 70 -8.74 -5.89 -1.12
N GLY B 71 -8.35 -5.25 -2.23
CA GLY B 71 -7.91 -3.87 -2.17
C GLY B 71 -8.96 -2.79 -2.19
N GLY B 72 -10.17 -3.13 -2.61
CA GLY B 72 -11.25 -2.16 -2.68
C GLY B 72 -11.71 -2.01 -4.12
N GLY B 73 -12.95 -1.56 -4.28
CA GLY B 73 -13.51 -1.42 -5.62
C GLY B 73 -13.52 -0.03 -6.22
N GLY B 74 -12.77 0.90 -5.64
CA GLY B 74 -12.71 2.24 -6.17
C GLY B 74 -14.05 2.95 -6.14
N ALA B 75 -14.40 3.64 -7.22
CA ALA B 75 -15.66 4.38 -7.32
C ALA B 75 -16.88 3.49 -7.56
N ASP B 76 -17.03 2.47 -6.72
CA ASP B 76 -18.13 1.51 -6.84
C ASP B 76 -19.37 1.82 -6.00
N GLY B 77 -19.39 2.96 -5.33
CA GLY B 77 -20.56 3.33 -4.53
C GLY B 77 -20.76 2.53 -3.25
N SER B 78 -19.71 1.81 -2.83
CA SER B 78 -19.75 1.00 -1.63
C SER B 78 -20.02 1.79 -0.36
N ILE B 79 -19.70 3.09 -0.38
CA ILE B 79 -19.90 3.95 0.78
C ILE B 79 -21.40 4.08 1.08
N ILE B 80 -22.22 3.91 0.05
CA ILE B 80 -23.67 3.99 0.21
C ILE B 80 -24.14 2.53 0.35
N ALA B 81 -23.68 1.68 -0.56
CA ALA B 81 -24.05 0.25 -0.58
C ALA B 81 -23.68 -0.46 0.71
N HIS B 82 -22.57 -0.04 1.32
CA HIS B 82 -22.10 -0.64 2.56
C HIS B 82 -21.82 0.43 3.60
N SER B 83 -22.76 1.38 3.72
CA SER B 83 -22.63 2.47 4.67
C SER B 83 -22.53 1.99 6.12
N ASN B 84 -23.27 0.94 6.45
CA ASN B 84 -23.27 0.35 7.78
C ASN B 84 -21.86 0.04 8.26
N ILE B 85 -20.97 -0.26 7.32
CA ILE B 85 -19.58 -0.57 7.63
C ILE B 85 -18.69 0.67 7.45
N GLU B 86 -18.81 1.28 6.28
CA GLU B 86 -18.02 2.45 5.94
C GLU B 86 -18.29 3.72 6.72
N LEU B 87 -19.56 4.01 7.02
CA LEU B 87 -19.87 5.21 7.79
C LEU B 87 -19.42 5.05 9.23
N ALA B 88 -18.91 3.87 9.56
CA ALA B 88 -18.43 3.61 10.91
C ALA B 88 -16.97 4.09 10.98
N PHE B 89 -16.32 4.23 9.83
CA PHE B 89 -14.94 4.69 9.78
C PHE B 89 -14.91 6.12 10.30
N PRO B 90 -13.91 6.45 11.16
CA PRO B 90 -13.78 7.79 11.73
C PRO B 90 -13.68 8.91 10.70
N ALA B 91 -13.20 8.56 9.51
CA ALA B 91 -13.06 9.52 8.43
C ALA B 91 -14.39 9.90 7.81
N ASN B 92 -15.38 9.02 7.95
CA ASN B 92 -16.71 9.26 7.37
C ASN B 92 -17.76 9.79 8.32
N GLY B 93 -17.33 10.62 9.27
CA GLY B 93 -18.27 11.19 10.22
C GLY B 93 -19.09 12.31 9.62
N GLY B 94 -20.30 12.50 10.13
CA GLY B 94 -21.17 13.56 9.63
C GLY B 94 -21.64 13.37 8.19
N LEU B 95 -21.76 12.14 7.73
CA LEU B 95 -22.19 11.87 6.36
C LEU B 95 -23.45 10.99 6.27
N THR B 96 -23.89 10.46 7.39
CA THR B 96 -25.08 9.61 7.44
C THR B 96 -26.28 10.14 6.64
N ASP B 97 -26.64 11.41 6.87
CA ASP B 97 -27.77 12.00 6.17
C ASP B 97 -27.55 12.20 4.68
N THR B 98 -26.35 12.61 4.31
CA THR B 98 -26.07 12.82 2.88
C THR B 98 -26.19 11.47 2.16
N VAL B 99 -25.68 10.42 2.80
CA VAL B 99 -25.72 9.07 2.25
C VAL B 99 -27.14 8.54 2.10
N GLU B 100 -27.95 8.69 3.14
CA GLU B 100 -29.33 8.23 3.12
C GLU B 100 -30.15 9.03 2.12
N ALA B 101 -29.75 10.29 1.93
CA ALA B 101 -30.42 11.17 0.99
C ALA B 101 -30.12 10.66 -0.41
N LEU B 102 -28.84 10.37 -0.68
CA LEU B 102 -28.40 9.86 -1.97
C LEU B 102 -28.92 8.46 -2.27
N ARG B 103 -29.02 7.62 -1.25
CA ARG B 103 -29.50 6.25 -1.43
C ARG B 103 -30.90 6.22 -2.08
N ALA B 104 -31.82 7.04 -1.54
CA ALA B 104 -33.18 7.13 -2.07
C ALA B 104 -33.16 7.53 -3.55
N VAL B 105 -32.52 8.67 -3.84
CA VAL B 105 -32.43 9.13 -5.22
C VAL B 105 -32.00 7.97 -6.11
N GLY B 106 -30.95 7.29 -5.69
CA GLY B 106 -30.41 6.17 -6.46
C GLY B 106 -31.39 5.04 -6.75
N ILE B 107 -32.01 4.52 -5.68
CA ILE B 107 -32.97 3.44 -5.82
C ILE B 107 -34.10 3.94 -6.71
N ASN B 108 -34.81 4.95 -6.20
CA ASN B 108 -35.93 5.57 -6.90
C ASN B 108 -35.70 5.72 -8.40
N HIS B 109 -34.54 6.20 -8.80
CA HIS B 109 -34.23 6.38 -10.20
C HIS B 109 -33.61 5.14 -10.84
N GLY B 110 -33.29 4.16 -10.02
CA GLY B 110 -32.70 2.93 -10.54
C GLY B 110 -31.32 3.10 -11.15
N VAL B 111 -30.51 4.00 -10.60
CA VAL B 111 -29.15 4.21 -11.11
C VAL B 111 -28.16 3.63 -10.09
N SER B 112 -26.98 3.24 -10.54
CA SER B 112 -26.01 2.67 -9.62
C SER B 112 -25.50 3.77 -8.68
N PHE B 113 -25.13 3.38 -7.47
CA PHE B 113 -24.63 4.33 -6.49
C PHE B 113 -23.29 4.93 -6.92
N GLY B 114 -22.45 4.14 -7.58
CA GLY B 114 -21.18 4.63 -8.06
C GLY B 114 -21.35 5.74 -9.10
N ASP B 115 -22.35 5.59 -9.96
CA ASP B 115 -22.66 6.57 -11.01
C ASP B 115 -23.32 7.81 -10.41
N LEU B 116 -24.23 7.61 -9.47
CA LEU B 116 -24.94 8.71 -8.83
C LEU B 116 -24.00 9.65 -8.07
N ILE B 117 -23.08 9.07 -7.29
CA ILE B 117 -22.12 9.88 -6.53
C ILE B 117 -21.31 10.73 -7.50
N GLN B 118 -20.80 10.09 -8.55
CA GLN B 118 -20.03 10.79 -9.57
C GLN B 118 -20.88 11.86 -10.29
N PHE B 119 -22.17 11.55 -10.51
CA PHE B 119 -23.08 12.48 -11.17
C PHE B 119 -23.43 13.64 -10.23
N ALA B 120 -23.74 13.32 -8.98
CA ALA B 120 -24.08 14.34 -7.99
C ALA B 120 -22.92 15.30 -7.79
N THR B 121 -21.71 14.80 -7.95
CA THR B 121 -20.51 15.63 -7.79
C THR B 121 -20.40 16.66 -8.91
N ALA B 122 -20.48 16.20 -10.16
CA ALA B 122 -20.39 17.11 -11.29
C ALA B 122 -21.52 18.15 -11.24
N VAL B 123 -22.70 17.73 -10.80
CA VAL B 123 -23.86 18.60 -10.69
C VAL B 123 -23.69 19.57 -9.54
N GLY B 124 -23.19 19.08 -8.41
CA GLY B 124 -22.99 19.95 -7.26
C GLY B 124 -21.97 21.03 -7.55
N MET B 125 -20.97 20.69 -8.35
CA MET B 125 -19.92 21.63 -8.72
C MET B 125 -20.49 22.79 -9.56
N SER B 126 -21.49 22.49 -10.38
CA SER B 126 -22.11 23.49 -11.24
C SER B 126 -22.87 24.55 -10.45
N ASN B 127 -23.22 24.24 -9.21
CA ASN B 127 -23.96 25.19 -8.38
C ASN B 127 -23.06 26.24 -7.74
N CYS B 128 -21.74 26.03 -7.85
CA CYS B 128 -20.75 26.95 -7.28
C CYS B 128 -19.98 27.73 -8.35
N PRO B 129 -20.09 29.06 -8.34
CA PRO B 129 -19.44 29.97 -9.29
C PRO B 129 -17.94 29.70 -9.49
N GLY B 130 -17.51 29.67 -10.74
CA GLY B 130 -16.10 29.43 -11.04
C GLY B 130 -15.67 27.99 -11.20
N SER B 131 -16.59 27.05 -10.97
CA SER B 131 -16.27 25.63 -11.10
C SER B 131 -16.17 25.20 -12.56
N PRO B 132 -15.25 24.26 -12.87
CA PRO B 132 -15.11 23.79 -14.24
C PRO B 132 -16.25 22.80 -14.50
N ARG B 133 -16.40 22.33 -15.74
CA ARG B 133 -17.48 21.37 -16.03
C ARG B 133 -16.91 19.95 -16.04
N LEU B 134 -16.99 19.31 -14.88
CA LEU B 134 -16.47 17.96 -14.70
C LEU B 134 -17.08 16.93 -15.64
N GLU B 135 -16.22 16.14 -16.28
CA GLU B 135 -16.65 15.10 -17.20
C GLU B 135 -17.56 14.11 -16.46
N PHE B 136 -18.45 13.45 -17.18
CA PHE B 136 -19.35 12.47 -16.56
C PHE B 136 -19.56 11.23 -17.41
N LEU B 137 -19.07 10.09 -16.93
CA LEU B 137 -19.22 8.82 -17.61
C LEU B 137 -20.26 7.99 -16.86
N THR B 138 -21.02 7.19 -17.57
CA THR B 138 -22.05 6.37 -16.93
C THR B 138 -21.83 4.89 -17.27
N GLY B 139 -22.28 3.99 -16.39
CA GLY B 139 -22.10 2.58 -16.66
C GLY B 139 -21.34 1.76 -15.64
N ARG B 140 -21.20 2.24 -14.41
CA ARG B 140 -20.49 1.48 -13.38
C ARG B 140 -21.43 0.46 -12.75
N SER B 141 -20.92 -0.76 -12.55
CA SER B 141 -21.73 -1.83 -11.95
C SER B 141 -22.36 -1.38 -10.64
N SER B 142 -23.54 -1.91 -10.36
CA SER B 142 -24.26 -1.55 -9.13
C SER B 142 -23.77 -2.37 -7.95
N SER B 143 -23.03 -3.43 -8.24
CA SER B 143 -22.51 -4.29 -7.17
C SER B 143 -21.16 -3.83 -6.67
N SER B 144 -21.01 -3.82 -5.35
CA SER B 144 -19.77 -3.42 -4.70
C SER B 144 -19.64 -4.14 -3.36
N GLN B 145 -18.42 -4.16 -2.83
CA GLN B 145 -18.15 -4.77 -1.54
C GLN B 145 -17.69 -3.65 -0.64
N PRO B 146 -17.79 -3.84 0.68
CA PRO B 146 -17.36 -2.75 1.57
C PRO B 146 -15.87 -2.46 1.38
N SER B 147 -15.50 -1.18 1.51
CA SER B 147 -14.10 -0.78 1.35
C SER B 147 -13.23 -1.25 2.51
N PRO B 148 -11.96 -1.58 2.23
CA PRO B 148 -11.06 -2.01 3.31
C PRO B 148 -10.88 -0.79 4.22
N PRO B 149 -10.75 -0.99 5.54
CA PRO B 149 -10.57 0.19 6.39
C PRO B 149 -9.18 0.81 6.23
N SER B 150 -8.98 1.99 6.81
CA SER B 150 -7.69 2.67 6.76
C SER B 150 -7.15 3.00 5.37
N LEU B 151 -8.04 3.36 4.44
CA LEU B 151 -7.59 3.70 3.10
C LEU B 151 -7.79 5.19 2.79
N ILE B 152 -8.45 5.91 3.70
CA ILE B 152 -8.69 7.33 3.52
C ILE B 152 -7.63 8.16 4.24
N PRO B 153 -6.85 8.98 3.49
CA PRO B 153 -5.81 9.82 4.09
C PRO B 153 -6.42 10.81 5.09
N GLY B 154 -5.77 10.98 6.24
CA GLY B 154 -6.31 11.89 7.24
C GLY B 154 -5.49 13.13 7.51
N PRO B 155 -6.08 14.13 8.20
CA PRO B 155 -5.40 15.39 8.53
C PRO B 155 -4.30 15.20 9.57
N GLY B 156 -4.27 14.03 10.20
CA GLY B 156 -3.24 13.75 11.19
C GLY B 156 -2.06 13.06 10.53
N ASN B 157 -2.25 12.60 9.31
CA ASN B 157 -1.22 11.91 8.54
C ASN B 157 -0.10 12.83 8.05
N THR B 158 1.08 12.24 7.86
CA THR B 158 2.25 12.96 7.38
C THR B 158 2.17 13.07 5.85
N VAL B 159 2.94 13.98 5.27
CA VAL B 159 2.90 14.14 3.82
C VAL B 159 3.30 12.84 3.14
N THR B 160 4.31 12.16 3.68
CA THR B 160 4.74 10.89 3.13
C THR B 160 3.56 9.93 3.16
N ALA B 161 2.92 9.81 4.32
CA ALA B 161 1.77 8.93 4.49
C ALA B 161 0.73 9.20 3.43
N ILE B 162 0.37 10.47 3.28
CA ILE B 162 -0.63 10.90 2.31
C ILE B 162 -0.22 10.61 0.88
N LEU B 163 1.03 10.94 0.53
CA LEU B 163 1.51 10.72 -0.83
C LEU B 163 1.64 9.23 -1.16
N ASP B 164 2.13 8.43 -0.23
CA ASP B 164 2.26 6.99 -0.47
C ASP B 164 0.86 6.38 -0.68
N ARG B 165 -0.08 6.75 0.19
CA ARG B 165 -1.45 6.24 0.08
C ARG B 165 -2.09 6.64 -1.24
N MET B 166 -1.94 7.91 -1.60
CA MET B 166 -2.51 8.43 -2.83
C MET B 166 -1.76 7.91 -4.06
N GLY B 167 -0.46 7.74 -3.94
CA GLY B 167 0.33 7.23 -5.05
C GLY B 167 -0.08 5.79 -5.33
N ASP B 168 -0.26 5.00 -4.27
CA ASP B 168 -0.67 3.62 -4.40
C ASP B 168 -2.00 3.56 -5.17
N ALA B 169 -2.93 4.43 -4.78
CA ALA B 169 -4.24 4.49 -5.44
C ALA B 169 -4.11 4.88 -6.91
N GLY B 170 -2.98 5.48 -7.28
CA GLY B 170 -2.73 5.88 -8.65
C GLY B 170 -2.50 7.36 -8.93
N PHE B 171 -2.40 8.17 -7.88
CA PHE B 171 -2.19 9.62 -8.04
C PHE B 171 -0.77 10.08 -7.73
N SER B 172 -0.26 11.01 -8.54
CA SER B 172 1.08 11.54 -8.31
C SER B 172 0.95 12.69 -7.31
N PRO B 173 2.10 13.16 -6.78
CA PRO B 173 2.09 14.26 -5.82
C PRO B 173 1.32 15.45 -6.38
N ASP B 174 1.61 15.79 -7.64
CA ASP B 174 0.95 16.92 -8.28
C ASP B 174 -0.55 16.73 -8.38
N GLU B 175 -1.00 15.51 -8.64
CA GLU B 175 -2.43 15.24 -8.74
C GLU B 175 -3.09 15.33 -7.37
N VAL B 176 -2.32 15.02 -6.32
CA VAL B 176 -2.86 15.12 -4.97
C VAL B 176 -3.20 16.57 -4.67
N VAL B 177 -2.27 17.45 -5.04
CA VAL B 177 -2.45 18.90 -4.86
C VAL B 177 -3.67 19.36 -5.66
N ASP B 178 -3.77 18.91 -6.92
CA ASP B 178 -4.89 19.27 -7.80
C ASP B 178 -6.26 18.90 -7.25
N LEU B 179 -6.40 17.68 -6.72
CA LEU B 179 -7.68 17.23 -6.17
C LEU B 179 -8.11 18.11 -5.00
N LEU B 180 -7.12 18.62 -4.27
CA LEU B 180 -7.39 19.46 -3.10
C LEU B 180 -7.95 20.86 -3.42
N ALA B 181 -8.15 21.14 -4.70
CA ALA B 181 -8.74 22.42 -5.11
C ALA B 181 -10.17 22.38 -4.59
N ALA B 182 -10.59 21.20 -4.16
CA ALA B 182 -11.93 20.98 -3.60
C ALA B 182 -12.11 21.72 -2.26
N HIS B 183 -11.01 21.97 -1.56
CA HIS B 183 -11.06 22.69 -0.29
C HIS B 183 -11.37 24.18 -0.50
N SER B 184 -11.58 24.57 -1.75
CA SER B 184 -11.92 25.94 -2.11
C SER B 184 -13.41 26.13 -1.80
N LEU B 185 -14.12 25.02 -1.66
CA LEU B 185 -15.55 25.02 -1.34
C LEU B 185 -15.70 24.10 -0.12
N ALA B 186 -15.13 24.51 1.01
CA ALA B 186 -15.15 23.66 2.19
C ALA B 186 -15.10 24.35 3.54
N SER B 187 -15.40 23.58 4.58
CA SER B 187 -15.37 24.02 5.97
C SER B 187 -15.17 22.77 6.81
N GLN B 188 -15.07 22.91 8.13
CA GLN B 188 -14.92 21.75 9.00
C GLN B 188 -16.00 21.81 10.07
N GLU B 189 -16.49 20.63 10.46
CA GLU B 189 -17.53 20.56 11.48
C GLU B 189 -17.08 19.72 12.67
N GLY B 190 -16.22 18.74 12.41
CA GLY B 190 -15.77 17.84 13.45
C GLY B 190 -14.34 17.95 13.96
N LEU B 191 -13.51 18.76 13.32
CA LEU B 191 -12.13 18.90 13.77
C LEU B 191 -12.07 19.80 15.00
N ASN B 192 -12.92 20.83 15.02
CA ASN B 192 -13.01 21.77 16.13
C ASN B 192 -14.47 22.21 16.21
N SER B 193 -15.29 21.41 16.87
CA SER B 193 -16.72 21.63 17.02
C SER B 193 -17.10 22.98 17.62
N ALA B 194 -16.16 23.61 18.34
CA ALA B 194 -16.37 24.92 18.95
C ALA B 194 -16.71 25.95 17.87
N ILE B 195 -16.00 25.85 16.74
CA ILE B 195 -16.17 26.75 15.61
C ILE B 195 -16.69 25.94 14.41
N PHE B 196 -17.88 25.38 14.61
CA PHE B 196 -18.55 24.56 13.61
C PHE B 196 -18.71 25.28 12.26
N ARG B 197 -18.27 24.61 11.20
CA ARG B 197 -18.34 25.15 9.82
C ARG B 197 -17.42 26.33 9.47
N SER B 198 -16.31 26.46 10.17
CA SER B 198 -15.34 27.50 9.89
C SER B 198 -14.80 27.18 8.48
N PRO B 199 -14.88 28.14 7.54
CA PRO B 199 -14.39 27.93 6.16
C PRO B 199 -12.90 27.62 6.08
N LEU B 200 -12.49 26.99 4.97
CA LEU B 200 -11.11 26.64 4.72
C LEU B 200 -10.45 27.74 3.90
N ASP B 201 -11.28 28.60 3.30
CA ASP B 201 -10.83 29.76 2.52
C ASP B 201 -11.94 30.82 2.56
N SER B 202 -11.60 32.07 2.25
CA SER B 202 -12.56 33.19 2.30
C SER B 202 -13.78 33.11 1.39
N THR B 203 -13.78 32.15 0.46
CA THR B 203 -14.90 31.98 -0.46
C THR B 203 -15.36 30.51 -0.61
N PRO B 204 -15.96 29.93 0.45
CA PRO B 204 -16.43 28.54 0.41
C PRO B 204 -17.62 28.29 -0.55
N GLN B 205 -18.06 29.34 -1.25
CA GLN B 205 -19.14 29.21 -2.22
C GLN B 205 -18.70 29.62 -3.63
N VAL B 206 -17.38 29.73 -3.81
CA VAL B 206 -16.80 30.08 -5.11
C VAL B 206 -15.56 29.24 -5.35
N PHE B 207 -15.59 28.46 -6.43
CA PHE B 207 -14.45 27.62 -6.77
C PHE B 207 -13.32 28.48 -7.35
N ASP B 208 -12.38 28.87 -6.50
CA ASP B 208 -11.27 29.72 -6.91
C ASP B 208 -9.96 29.36 -6.22
N THR B 209 -8.88 30.08 -6.57
CA THR B 209 -7.56 29.83 -6.03
C THR B 209 -7.30 30.33 -4.62
N GLN B 210 -8.31 30.93 -3.97
CA GLN B 210 -8.10 31.47 -2.62
C GLN B 210 -7.52 30.45 -1.64
N PHE B 211 -8.05 29.23 -1.68
CA PHE B 211 -7.57 28.16 -0.80
C PHE B 211 -6.04 28.03 -0.82
N TYR B 212 -5.47 27.94 -2.02
CA TYR B 212 -4.02 27.79 -2.18
C TYR B 212 -3.25 29.01 -1.69
N ILE B 213 -3.80 30.18 -1.99
CA ILE B 213 -3.21 31.44 -1.57
C ILE B 213 -3.20 31.55 -0.04
N GLU B 214 -4.39 31.50 0.55
CA GLU B 214 -4.54 31.65 1.99
C GLU B 214 -3.88 30.59 2.87
N THR B 215 -3.71 29.38 2.36
CA THR B 215 -3.05 28.35 3.16
C THR B 215 -1.54 28.63 3.24
N LEU B 216 -1.03 29.41 2.27
CA LEU B 216 0.39 29.78 2.21
C LEU B 216 0.73 31.03 3.02
N LEU B 217 -0.29 31.69 3.58
CA LEU B 217 -0.06 32.86 4.40
C LEU B 217 0.46 32.41 5.77
N LYS B 218 1.18 33.27 6.46
CA LYS B 218 1.70 32.92 7.77
C LYS B 218 0.54 32.66 8.74
N GLY B 219 0.65 31.59 9.50
CA GLY B 219 -0.38 31.25 10.47
C GLY B 219 -0.19 32.16 11.67
N THR B 220 -1.20 32.99 11.93
CA THR B 220 -1.13 33.95 13.02
C THR B 220 -2.36 33.91 13.92
N THR B 221 -3.40 33.24 13.47
CA THR B 221 -4.66 33.21 14.20
C THR B 221 -5.23 31.87 14.64
N GLN B 222 -5.74 31.86 15.87
CA GLN B 222 -6.41 30.70 16.44
C GLN B 222 -7.87 31.16 16.46
N PRO B 223 -8.69 30.66 15.51
CA PRO B 223 -10.10 31.02 15.42
C PRO B 223 -11.02 30.57 16.56
N GLY B 224 -10.66 29.49 17.26
CA GLY B 224 -11.49 29.00 18.34
C GLY B 224 -10.82 29.01 19.70
N PRO B 225 -11.58 28.72 20.78
CA PRO B 225 -11.05 28.69 22.15
C PRO B 225 -9.74 27.93 22.25
N SER B 226 -9.56 26.93 21.39
CA SER B 226 -8.33 26.16 21.38
C SER B 226 -8.00 25.70 19.97
N LEU B 227 -6.77 25.20 19.81
CA LEU B 227 -6.29 24.72 18.53
C LEU B 227 -6.58 23.21 18.41
N GLY B 228 -7.52 22.85 17.54
CA GLY B 228 -7.87 21.46 17.34
C GLY B 228 -6.71 20.50 17.17
N PHE B 229 -6.99 19.21 17.32
CA PHE B 229 -5.99 18.17 17.19
C PHE B 229 -5.18 18.25 15.88
N ALA B 230 -5.89 18.34 14.75
CA ALA B 230 -5.25 18.43 13.43
C ALA B 230 -5.46 19.83 12.83
N GLU B 231 -5.39 20.84 13.70
CA GLU B 231 -5.56 22.24 13.31
C GLU B 231 -4.32 23.09 13.58
N GLU B 232 -4.10 24.07 12.72
CA GLU B 232 -2.97 24.97 12.84
C GLU B 232 -3.48 26.41 12.78
N LEU B 233 -2.62 27.35 13.16
CA LEU B 233 -2.97 28.76 13.14
C LEU B 233 -3.33 29.18 11.73
N SER B 234 -4.37 30.00 11.59
CA SER B 234 -4.81 30.47 10.27
C SER B 234 -4.39 31.94 10.06
N PRO B 235 -4.71 32.52 8.89
CA PRO B 235 -4.33 33.91 8.63
C PRO B 235 -5.29 34.98 9.19
N PHE B 236 -6.53 34.61 9.46
CA PHE B 236 -7.52 35.54 10.01
C PHE B 236 -8.70 34.84 10.70
N PRO B 237 -9.48 35.59 11.51
CA PRO B 237 -10.63 35.03 12.23
C PRO B 237 -11.63 34.35 11.30
N GLY B 238 -12.23 33.26 11.79
CA GLY B 238 -13.22 32.53 11.02
C GLY B 238 -12.67 31.46 10.10
N GLU B 239 -11.41 31.58 9.72
CA GLU B 239 -10.78 30.59 8.84
C GLU B 239 -10.04 29.49 9.59
N PHE B 240 -10.32 28.25 9.20
CA PHE B 240 -9.72 27.08 9.79
C PHE B 240 -8.58 26.59 8.89
N ARG B 241 -7.46 26.21 9.50
CA ARG B 241 -6.33 25.66 8.75
C ARG B 241 -6.03 24.23 9.23
N MET B 242 -6.22 23.29 8.32
CA MET B 242 -6.00 21.87 8.56
C MET B 242 -4.50 21.59 8.50
N ARG B 243 -4.00 20.77 9.42
CA ARG B 243 -2.59 20.43 9.49
C ARG B 243 -2.00 19.82 8.20
N SER B 244 -2.77 18.95 7.53
CA SER B 244 -2.31 18.32 6.28
C SER B 244 -2.21 19.34 5.14
N ASP B 245 -3.12 20.31 5.11
CA ASP B 245 -3.10 21.34 4.08
C ASP B 245 -1.90 22.24 4.29
N ALA B 246 -1.66 22.61 5.55
CA ALA B 246 -0.55 23.47 5.91
C ALA B 246 0.79 22.85 5.54
N LEU B 247 0.88 21.53 5.74
CA LEU B 247 2.10 20.78 5.44
C LEU B 247 2.30 20.54 3.95
N LEU B 248 1.22 20.19 3.26
CA LEU B 248 1.29 19.95 1.81
C LEU B 248 1.69 21.22 1.04
N ALA B 249 1.25 22.36 1.54
CA ALA B 249 1.57 23.65 0.92
C ALA B 249 3.06 23.97 1.01
N ARG B 250 3.68 23.55 2.12
CA ARG B 250 5.08 23.82 2.38
C ARG B 250 6.10 22.71 2.10
N ASP B 251 5.63 21.48 1.88
CA ASP B 251 6.52 20.34 1.62
C ASP B 251 7.21 20.41 0.27
N SER B 252 8.51 20.11 0.27
CA SER B 252 9.32 20.15 -0.96
C SER B 252 8.80 19.30 -2.12
N ARG B 253 8.09 18.22 -1.79
CA ARG B 253 7.55 17.32 -2.80
C ARG B 253 6.28 17.84 -3.49
N THR B 254 5.60 18.79 -2.85
CA THR B 254 4.34 19.33 -3.37
C THR B 254 4.24 20.87 -3.46
N ALA B 255 5.14 21.58 -2.79
CA ALA B 255 5.12 23.04 -2.76
C ALA B 255 5.03 23.78 -4.11
N CYS B 256 5.79 23.32 -5.11
CA CYS B 256 5.77 23.98 -6.42
C CYS B 256 4.42 23.91 -7.14
N ARG B 257 3.73 22.78 -7.03
CA ARG B 257 2.44 22.64 -7.67
C ARG B 257 1.43 23.56 -6.96
N TRP B 258 1.49 23.55 -5.63
CA TRP B 258 0.62 24.36 -4.76
C TRP B 258 0.80 25.83 -5.11
N GLN B 259 2.07 26.22 -5.33
CA GLN B 259 2.43 27.59 -5.67
C GLN B 259 1.83 28.04 -7.01
N SER B 260 1.89 27.20 -8.04
CA SER B 260 1.36 27.54 -9.36
C SER B 260 -0.17 27.56 -9.38
N MET B 261 -0.77 26.92 -8.38
CA MET B 261 -2.22 26.87 -8.28
C MET B 261 -2.85 28.10 -7.64
N THR B 262 -2.05 29.14 -7.41
CA THR B 262 -2.56 30.36 -6.78
C THR B 262 -2.92 31.48 -7.75
N SER B 263 -2.35 31.46 -8.94
CA SER B 263 -2.55 32.55 -9.91
C SER B 263 -3.69 32.52 -10.92
N SER B 264 -4.06 31.32 -11.37
CA SER B 264 -5.10 31.21 -12.39
C SER B 264 -6.28 30.32 -12.02
N ASN B 265 -7.49 30.87 -12.12
CA ASN B 265 -8.70 30.11 -11.83
C ASN B 265 -8.94 29.04 -12.91
N GLU B 266 -8.67 29.37 -14.17
CA GLU B 266 -8.85 28.42 -15.26
C GLU B 266 -7.90 27.23 -15.18
N VAL B 267 -6.61 27.50 -14.98
CA VAL B 267 -5.63 26.44 -14.88
C VAL B 267 -6.00 25.51 -13.72
N MET B 268 -6.29 26.10 -12.56
CA MET B 268 -6.67 25.31 -11.39
C MET B 268 -7.86 24.43 -11.78
N GLY B 269 -8.84 25.01 -12.47
CA GLY B 269 -10.01 24.25 -12.88
C GLY B 269 -9.69 23.13 -13.85
N GLN B 270 -8.75 23.37 -14.76
CA GLN B 270 -8.33 22.37 -15.73
C GLN B 270 -7.72 21.16 -15.04
N ARG B 271 -6.74 21.42 -14.18
CA ARG B 271 -6.03 20.40 -13.44
C ARG B 271 -6.94 19.57 -12.53
N TYR B 272 -7.90 20.24 -11.90
CA TYR B 272 -8.84 19.57 -11.00
C TYR B 272 -9.70 18.61 -11.82
N ARG B 273 -10.28 19.12 -12.91
CA ARG B 273 -11.12 18.29 -13.78
C ARG B 273 -10.36 17.07 -14.25
N ALA B 274 -9.10 17.26 -14.63
CA ALA B 274 -8.26 16.15 -15.09
C ALA B 274 -8.04 15.15 -13.96
N ALA B 275 -7.92 15.67 -12.73
CA ALA B 275 -7.71 14.83 -11.55
C ALA B 275 -8.99 14.08 -11.19
N MET B 276 -10.11 14.80 -11.16
CA MET B 276 -11.40 14.21 -10.83
C MET B 276 -11.80 13.11 -11.84
N ALA B 277 -11.45 13.33 -13.11
CA ALA B 277 -11.74 12.37 -14.17
C ALA B 277 -10.93 11.08 -13.94
N LYS B 278 -9.77 11.25 -13.32
CA LYS B 278 -8.86 10.15 -13.01
C LYS B 278 -9.47 9.33 -11.87
N MET B 279 -9.95 10.04 -10.86
CA MET B 279 -10.53 9.42 -9.68
C MET B 279 -11.88 8.73 -9.94
N SER B 280 -12.65 9.25 -10.89
CA SER B 280 -13.95 8.70 -11.22
C SER B 280 -13.91 7.26 -11.72
N VAL B 281 -12.81 6.89 -12.37
CA VAL B 281 -12.68 5.53 -12.89
C VAL B 281 -11.66 4.66 -12.16
N LEU B 282 -11.51 4.84 -10.84
CA LEU B 282 -10.59 3.99 -10.10
C LEU B 282 -11.35 2.68 -9.91
N GLY B 283 -10.75 1.59 -10.38
CA GLY B 283 -11.39 0.29 -10.28
C GLY B 283 -12.29 0.03 -11.47
N PHE B 284 -12.14 0.85 -12.51
CA PHE B 284 -12.93 0.75 -13.73
C PHE B 284 -12.12 0.99 -15.00
N ASP B 285 -12.67 0.53 -16.12
CA ASP B 285 -12.03 0.71 -17.42
C ASP B 285 -12.82 1.78 -18.15
N ARG B 286 -12.14 2.88 -18.49
CA ARG B 286 -12.77 3.99 -19.18
C ARG B 286 -13.51 3.52 -20.44
N ASN B 287 -12.84 2.69 -21.24
CA ASN B 287 -13.41 2.15 -22.47
C ASN B 287 -14.78 1.51 -22.27
N ALA B 288 -15.00 0.97 -21.08
CA ALA B 288 -16.26 0.29 -20.80
C ALA B 288 -17.39 1.22 -20.36
N LEU B 289 -17.12 2.52 -20.23
CA LEU B 289 -18.17 3.45 -19.78
C LEU B 289 -18.62 4.42 -20.87
N THR B 290 -19.88 4.85 -20.77
CA THR B 290 -20.45 5.78 -21.75
C THR B 290 -20.38 7.23 -21.31
N ASP B 291 -19.77 8.07 -22.16
CA ASP B 291 -19.63 9.49 -21.87
C ASP B 291 -20.98 10.19 -21.97
N CYS B 292 -21.37 10.85 -20.88
CA CYS B 292 -22.62 11.61 -20.83
C CYS B 292 -22.33 13.00 -20.26
N SER B 293 -21.12 13.48 -20.54
CA SER B 293 -20.67 14.78 -20.05
C SER B 293 -21.58 15.94 -20.44
N ASP B 294 -22.38 15.76 -21.49
CA ASP B 294 -23.28 16.84 -21.92
C ASP B 294 -24.52 17.06 -21.06
N VAL B 295 -24.72 16.23 -20.04
CA VAL B 295 -25.88 16.36 -19.17
C VAL B 295 -25.58 17.33 -18.03
N ILE B 296 -24.29 17.60 -17.84
CA ILE B 296 -23.84 18.48 -16.77
C ILE B 296 -23.97 19.96 -17.15
N PRO B 297 -24.66 20.75 -16.32
CA PRO B 297 -24.84 22.19 -16.59
C PRO B 297 -23.59 23.02 -16.26
N SER B 298 -23.45 24.17 -16.90
CA SER B 298 -22.31 25.03 -16.65
C SER B 298 -22.53 25.88 -15.40
N ALA B 299 -21.45 26.10 -14.64
CA ALA B 299 -21.53 26.91 -13.43
C ALA B 299 -21.41 28.38 -13.85
N VAL B 300 -21.95 29.27 -13.03
CA VAL B 300 -21.87 30.70 -13.34
C VAL B 300 -20.40 31.12 -13.25
N SER B 301 -20.00 31.99 -14.16
CA SER B 301 -18.62 32.46 -14.24
C SER B 301 -18.14 33.18 -13.00
N ASN B 302 -16.84 33.11 -12.75
CA ASN B 302 -16.21 33.80 -11.63
C ASN B 302 -15.28 34.81 -12.29
N ASN B 303 -15.72 36.07 -12.35
CA ASN B 303 -14.91 37.10 -12.97
C ASN B 303 -13.88 37.72 -12.05
N ALA B 304 -14.05 37.51 -10.75
CA ALA B 304 -13.12 38.03 -9.76
C ALA B 304 -11.75 37.40 -9.98
N ALA B 305 -10.70 38.17 -9.76
CA ALA B 305 -9.33 37.69 -9.92
C ALA B 305 -8.72 37.36 -8.56
N PRO B 306 -7.69 36.50 -8.54
CA PRO B 306 -7.03 36.11 -7.28
C PRO B 306 -6.47 37.32 -6.54
N VAL B 307 -6.58 37.32 -5.22
CA VAL B 307 -6.07 38.42 -4.39
C VAL B 307 -5.59 37.94 -3.03
N ILE B 308 -4.73 38.72 -2.41
CA ILE B 308 -4.24 38.41 -1.08
C ILE B 308 -5.13 39.23 -0.18
N PRO B 309 -5.97 38.56 0.61
CA PRO B 309 -6.92 39.13 1.56
C PRO B 309 -6.46 40.19 2.59
N GLY B 310 -7.46 40.93 3.09
CA GLY B 310 -7.27 41.96 4.10
C GLY B 310 -5.95 42.64 4.37
N GLY B 311 -5.55 43.56 3.50
CA GLY B 311 -4.31 44.31 3.69
C GLY B 311 -3.03 43.49 3.79
N LEU B 312 -3.15 42.18 3.65
CA LEU B 312 -1.98 41.30 3.71
C LEU B 312 -1.29 41.37 2.35
N THR B 313 0.04 41.38 2.35
CA THR B 313 0.79 41.47 1.10
C THR B 313 1.43 40.15 0.71
N VAL B 314 2.03 40.13 -0.48
CA VAL B 314 2.68 38.91 -0.98
C VAL B 314 3.89 38.59 -0.10
N ASP B 315 4.35 39.58 0.65
CA ASP B 315 5.49 39.38 1.53
C ASP B 315 5.07 38.59 2.78
N ASP B 316 3.78 38.37 2.94
CA ASP B 316 3.26 37.62 4.06
C ASP B 316 3.13 36.14 3.67
N ILE B 317 3.39 35.86 2.40
CA ILE B 317 3.33 34.50 1.87
C ILE B 317 4.62 33.77 2.19
N GLU B 318 4.48 32.55 2.68
CA GLU B 318 5.63 31.72 3.01
C GLU B 318 6.01 30.90 1.79
N VAL B 319 6.63 31.57 0.82
CA VAL B 319 7.05 30.93 -0.42
C VAL B 319 7.81 29.64 -0.18
N SER B 320 7.27 28.53 -0.67
CA SER B 320 7.89 27.23 -0.47
C SER B 320 8.51 26.61 -1.72
N CYS B 321 8.40 27.29 -2.85
CA CYS B 321 9.03 26.80 -4.08
C CYS B 321 9.79 27.97 -4.68
N PRO B 322 10.89 28.38 -4.03
CA PRO B 322 11.69 29.50 -4.52
C PRO B 322 12.45 29.21 -5.82
N SER B 323 12.52 27.93 -6.22
CA SER B 323 13.21 27.54 -7.44
C SER B 323 12.43 28.03 -8.66
N GLU B 324 11.17 28.34 -8.43
CA GLU B 324 10.29 28.83 -9.48
C GLU B 324 9.69 30.18 -9.09
N PRO B 325 9.63 31.13 -10.05
CA PRO B 325 9.10 32.47 -9.84
C PRO B 325 7.69 32.45 -9.23
N PHE B 326 7.48 33.27 -8.21
CA PHE B 326 6.16 33.32 -7.57
C PHE B 326 5.23 34.14 -8.45
N PRO B 327 4.07 33.56 -8.82
CA PRO B 327 3.07 34.22 -9.67
C PRO B 327 2.62 35.62 -9.24
N GLU B 328 2.23 36.44 -10.22
CA GLU B 328 1.75 37.81 -9.99
C GLU B 328 0.30 37.76 -9.49
N ILE B 329 0.06 38.30 -8.31
CA ILE B 329 -1.30 38.30 -7.77
C ILE B 329 -1.66 39.62 -7.10
N ALA B 330 -2.82 40.16 -7.47
CA ALA B 330 -3.31 41.42 -6.92
C ALA B 330 -3.42 41.33 -5.40
N ALA B 331 -3.33 42.49 -4.74
CA ALA B 331 -3.43 42.53 -3.28
C ALA B 331 -4.61 43.42 -2.86
N ALA B 332 -5.47 42.90 -2.01
CA ALA B 332 -6.62 43.66 -1.55
C ALA B 332 -6.36 44.41 -0.23
N SER B 333 -6.90 45.64 -0.14
CA SER B 333 -6.72 46.45 1.05
C SER B 333 -7.43 45.86 2.25
N GLY B 334 -7.03 46.30 3.45
CA GLY B 334 -7.65 45.82 4.67
C GLY B 334 -9.04 46.41 4.87
N PRO B 335 -9.65 46.22 6.05
CA PRO B 335 -9.11 45.47 7.19
C PRO B 335 -9.04 43.95 6.97
N LEU B 336 -8.40 43.27 7.91
CA LEU B 336 -8.27 41.82 7.85
C LEU B 336 -9.69 41.27 7.96
N PRO B 337 -10.00 40.17 7.24
CA PRO B 337 -11.34 39.61 7.33
C PRO B 337 -11.59 38.70 8.52
N ALA B 338 -12.88 38.46 8.78
CA ALA B 338 -13.34 37.57 9.85
C ALA B 338 -14.46 36.76 9.19
N LEU B 339 -14.11 35.56 8.74
CA LEU B 339 -15.07 34.67 8.06
C LEU B 339 -16.28 34.22 8.87
N ALA B 340 -17.45 34.30 8.24
CA ALA B 340 -18.70 33.84 8.87
C ALA B 340 -18.76 32.35 8.50
N PRO B 341 -19.46 31.53 9.30
CA PRO B 341 -19.54 30.10 8.97
C PRO B 341 -20.11 29.79 7.57
N ALA B 342 -19.64 28.69 6.99
CA ALA B 342 -20.09 28.29 5.67
C ALA B 342 -21.59 27.97 5.70
N PRO B 343 -22.34 28.51 4.72
CA PRO B 343 -23.80 28.28 4.63
C PRO B 343 -24.17 26.80 4.40
CA CA C . 9.59 -28.29 6.21
CA CA D . 16.98 -3.09 1.91
CHA HEM E . 5.48 -16.50 4.12
CHB HEM E . 5.32 -14.90 -0.36
CHC HEM E . 9.89 -15.83 -1.41
CHD HEM E . 10.42 -16.75 3.47
C1A HEM E . 4.85 -15.90 3.05
C2A HEM E . 3.66 -15.30 2.91
C3A HEM E . 3.63 -14.74 1.65
C4A HEM E . 5.03 -15.13 0.99
CMA HEM E . 2.34 -13.92 0.86
CAA HEM E . 2.51 -15.22 3.89
CBA HEM E . 2.73 -14.09 5.09
CGA HEM E . 1.59 -14.04 5.98
O1A HEM E . 0.37 -13.99 5.54
O2A HEM E . 2.03 -14.38 7.16
C1B HEM E . 6.38 -15.09 -1.17
C2B HEM E . 6.47 -14.84 -2.67
C3B HEM E . 7.92 -15.17 -2.98
C4B HEM E . 8.53 -15.48 -1.81
CMB HEM E . 5.44 -14.47 -3.64
CAB HEM E . 8.59 -15.17 -4.63
CBB HEM E . 9.94 -15.44 -5.01
C1C HEM E . 10.54 -16.02 -0.32
C2C HEM E . 12.04 -15.97 -0.04
C3C HEM E . 12.34 -16.13 1.54
C4C HEM E . 10.78 -16.36 2.11
CMC HEM E . 13.08 -15.79 -1.28
CAC HEM E . 13.55 -16.15 2.24
CBC HEM E . 14.81 -16.84 1.72
C1D HEM E . 9.16 -16.91 4.00
C2D HEM E . 8.94 -17.46 5.39
C3D HEM E . 7.45 -17.25 5.61
C4D HEM E . 6.93 -16.80 4.41
CMD HEM E . 9.98 -18.17 6.41
CAD HEM E . 6.75 -17.61 6.93
CBD HEM E . 6.34 -16.70 7.72
CGD HEM E . 5.50 -17.13 9.11
O1D HEM E . 5.03 -16.15 9.76
O2D HEM E . 5.31 -18.45 9.39
NA HEM E . 5.70 -15.70 1.76
NB HEM E . 7.47 -15.50 -0.68
NC HEM E . 9.78 -16.27 1.01
ND HEM E . 7.90 -16.60 3.41
FE HEM E . 7.69 -16.16 1.37
CA CA F . -12.99 29.54 -2.70
CA CA G . -15.78 2.62 -2.65
CHA HEM H . -13.38 18.73 4.57
CHB HEM H . -9.45 16.11 4.93
CHC HEM H . -8.77 15.56 0.21
CHD HEM H . -13.33 17.56 -0.28
C1A HEM H . -12.40 18.03 5.27
C2A HEM H . -12.27 17.75 6.58
C3A HEM H . -11.15 16.90 6.68
C4A HEM H . -10.63 16.75 5.21
CMA HEM H . -10.46 16.25 8.06
CAA HEM H . -13.13 18.25 7.78
CBA HEM H . -14.55 17.45 7.93
CGA HEM H . -15.27 17.90 9.08
O1A HEM H . -14.73 18.01 10.21
O2A HEM H . -16.39 18.38 8.63
C1B HEM H . -8.73 15.78 3.79
C2B HEM H . -7.37 15.17 3.68
C3B HEM H . -7.15 15.03 2.21
C4B HEM H . -8.29 15.49 1.60
CMB HEM H . -6.40 14.83 4.71
CAB HEM H . -5.66 14.44 1.44
CBB HEM H . -5.41 14.26 0.05
C1C HEM H . -9.88 15.87 -0.40
C2C HEM H . -10.35 15.51 -1.83
C3C HEM H . -11.84 16.01 -2.05
C4C HEM H . -12.14 16.76 -0.58
CMC HEM H . -9.29 14.76 -2.85
CAC HEM H . -12.67 15.91 -3.20
CBC HEM H . -12.15 16.11 -4.64
C1D HEM H . -13.63 18.17 0.92
C2D HEM H . -14.80 19.13 1.07
C3D HEM H . -14.86 19.35 2.56
C4D HEM H . -13.80 18.74 3.09
CMD HEM H . -15.77 19.78 -0.07
CAD HEM H . -15.97 20.20 3.24
CBD HEM H . -16.93 19.64 3.94
CGD HEM H . -18.04 20.62 4.69
O1D HEM H . -18.83 19.97 5.42
O2D HEM H . -17.95 21.96 4.53
NA HEM H . -11.34 17.33 4.46
NB HEM H . -9.27 16.06 2.64
NC HEM H . -11.00 16.63 0.30
ND HEM H . -12.98 18.05 2.18
FE HEM H . -10.99 17.17 2.34
#